data_1KQB
#
_entry.id   1KQB
#
_cell.length_a   52.840
_cell.length_b   79.310
_cell.length_c   96.920
_cell.angle_alpha   90.00
_cell.angle_beta   93.69
_cell.angle_gamma   90.00
#
_symmetry.space_group_name_H-M   'P 1 21 1'
#
loop_
_entity.id
_entity.type
_entity.pdbx_description
1 polymer 'OXYGEN-INSENSITIVE NAD(P)H NITROREDUCTASE'
2 non-polymer 'FLAVIN MONONUCLEOTIDE'
3 non-polymer 'BENZOIC ACID'
4 water water
#
_entity_poly.entity_id   1
_entity_poly.type   'polypeptide(L)'
_entity_poly.pdbx_seq_one_letter_code
;MDIISVALKRHSTKAFDASKKLTAEEAEKIKTLLQYSPSSTNSQPWHFIVASTEEGKARVAKSAAGTYVFNERKMLDASH
VVVFCAKTAMDDAWLERVVDQEEADGRFNTPEAKAANHKGRTYFADMHRVDLKDDDQWMAKQVYLNVGNFLLGVGAMGLD
AVPIEGFDAAILDEEFGLKEKGFTSLVVVPVGHHSVEDFNATLPKSRLPLSTIVTEC
;
_entity_poly.pdbx_strand_id   A,B,C,D
#
# COMPACT_ATOMS: atom_id res chain seq x y z
N ASP A 2 10.69 1.39 -14.63
CA ASP A 2 11.20 1.61 -13.24
C ASP A 2 11.63 3.05 -13.08
N ILE A 3 10.90 3.79 -12.22
CA ILE A 3 11.20 5.19 -12.01
C ILE A 3 12.60 5.45 -11.45
N ILE A 4 13.16 4.49 -10.73
CA ILE A 4 14.50 4.68 -10.19
C ILE A 4 15.52 4.62 -11.31
N SER A 5 15.26 3.76 -12.30
CA SER A 5 16.16 3.64 -13.45
C SER A 5 16.09 4.96 -14.22
N VAL A 6 14.88 5.53 -14.30
CA VAL A 6 14.68 6.80 -14.99
C VAL A 6 15.52 7.89 -14.33
N ALA A 7 15.47 7.94 -13.00
CA ALA A 7 16.22 8.94 -12.26
C ALA A 7 17.73 8.79 -12.48
N LEU A 8 18.18 7.55 -12.65
CA LEU A 8 19.59 7.30 -12.86
C LEU A 8 19.96 7.43 -14.34
N LYS A 9 18.96 7.64 -15.19
CA LYS A 9 19.22 7.76 -16.62
C LYS A 9 18.91 9.12 -17.23
N ARG A 10 17.83 9.77 -16.80
CA ARG A 10 17.48 11.08 -17.35
C ARG A 10 18.72 11.97 -17.22
N HIS A 11 18.86 12.94 -18.11
CA HIS A 11 20.01 13.84 -18.06
C HIS A 11 19.69 15.19 -18.68
N SER A 12 20.53 16.17 -18.39
CA SER A 12 20.33 17.50 -18.95
C SER A 12 20.84 17.50 -20.38
N THR A 13 19.91 17.50 -21.32
CA THR A 13 20.22 17.49 -22.74
C THR A 13 21.02 18.72 -23.12
N LYS A 14 22.14 18.52 -23.81
CA LYS A 14 22.97 19.64 -24.23
C LYS A 14 22.77 19.95 -25.70
N ALA A 15 22.14 19.04 -26.41
CA ALA A 15 21.87 19.20 -27.84
C ALA A 15 20.60 18.47 -28.25
N PHE A 16 19.74 19.15 -29.00
CA PHE A 16 18.50 18.54 -29.47
C PHE A 16 18.50 18.35 -30.98
N ASP A 17 17.78 17.33 -31.42
CA ASP A 17 17.64 17.04 -32.84
C ASP A 17 16.50 17.95 -33.30
N ALA A 18 16.82 18.97 -34.08
CA ALA A 18 15.83 19.93 -34.56
C ALA A 18 14.78 19.36 -35.50
N SER A 19 14.91 18.09 -35.87
CA SER A 19 13.94 17.48 -36.77
C SER A 19 12.92 16.62 -36.03
N LYS A 20 13.28 16.20 -34.82
CA LYS A 20 12.40 15.36 -34.01
C LYS A 20 11.47 16.19 -33.12
N LYS A 21 10.19 16.17 -33.46
CA LYS A 21 9.19 16.92 -32.71
C LYS A 21 8.35 15.99 -31.84
N LEU A 22 7.74 16.53 -30.80
CA LEU A 22 6.90 15.73 -29.94
C LEU A 22 5.64 15.39 -30.72
N THR A 23 5.04 14.24 -30.42
CA THR A 23 3.81 13.86 -31.10
C THR A 23 2.72 14.73 -30.48
N ALA A 24 1.56 14.77 -31.12
CA ALA A 24 0.45 15.56 -30.61
C ALA A 24 0.06 15.08 -29.22
N GLU A 25 0.13 13.77 -29.01
CA GLU A 25 -0.23 13.19 -27.73
C GLU A 25 0.79 13.61 -26.67
N GLU A 26 2.07 13.54 -27.00
CA GLU A 26 3.12 13.92 -26.06
C GLU A 26 2.97 15.38 -25.66
N ALA A 27 2.64 16.24 -26.62
CA ALA A 27 2.45 17.66 -26.34
C ALA A 27 1.34 17.85 -25.34
N GLU A 28 0.27 17.06 -25.48
CA GLU A 28 -0.85 17.14 -24.56
C GLU A 28 -0.41 16.66 -23.19
N LYS A 29 0.39 15.61 -23.17
CA LYS A 29 0.87 15.05 -21.91
C LYS A 29 1.79 15.97 -21.12
N ILE A 30 2.71 16.68 -21.79
CA ILE A 30 3.60 17.55 -21.03
C ILE A 30 2.81 18.70 -20.42
N LYS A 31 1.72 19.11 -21.07
CA LYS A 31 0.89 20.18 -20.52
C LYS A 31 0.15 19.64 -19.29
N THR A 32 -0.23 18.38 -19.34
CA THR A 32 -0.92 17.76 -18.22
C THR A 32 0.03 17.71 -17.02
N LEU A 33 1.31 17.44 -17.26
CA LEU A 33 2.30 17.39 -16.18
C LEU A 33 2.42 18.75 -15.51
N LEU A 34 2.46 19.80 -16.33
CA LEU A 34 2.58 21.14 -15.79
C LEU A 34 1.37 21.48 -14.93
N GLN A 35 0.19 21.14 -15.43
CA GLN A 35 -1.06 21.43 -14.74
C GLN A 35 -1.30 20.66 -13.44
N TYR A 36 -0.97 19.38 -13.43
CA TYR A 36 -1.24 18.58 -12.25
C TYR A 36 -0.20 18.48 -11.14
N SER A 37 0.87 19.26 -11.27
CA SER A 37 1.89 19.27 -10.23
C SER A 37 1.23 19.76 -8.94
N PRO A 38 1.68 19.26 -7.79
CA PRO A 38 1.09 19.71 -6.54
C PRO A 38 1.70 21.07 -6.18
N SER A 39 1.12 21.72 -5.18
CA SER A 39 1.61 23.03 -4.71
C SER A 39 1.00 23.30 -3.34
N SER A 40 1.67 24.13 -2.55
CA SER A 40 1.19 24.46 -1.21
C SER A 40 -0.22 25.03 -1.27
N THR A 41 -1.15 24.39 -0.56
CA THR A 41 -2.57 24.78 -0.52
C THR A 41 -3.23 24.70 -1.89
N ASN A 42 -2.55 24.03 -2.83
CA ASN A 42 -3.03 23.89 -4.21
C ASN A 42 -3.14 25.31 -4.78
N SER A 43 -2.23 26.18 -4.32
CA SER A 43 -2.21 27.57 -4.76
C SER A 43 -1.91 27.76 -6.25
N GLN A 44 -1.26 26.79 -6.87
CA GLN A 44 -0.97 26.86 -8.31
C GLN A 44 -0.62 28.29 -8.74
N PRO A 45 0.36 28.92 -8.08
CA PRO A 45 0.80 30.29 -8.36
C PRO A 45 1.70 30.37 -9.59
N TRP A 46 1.20 29.83 -10.69
CA TRP A 46 2.01 29.75 -11.89
C TRP A 46 1.34 29.97 -13.23
N HIS A 47 2.18 30.11 -14.25
CA HIS A 47 1.75 30.25 -15.63
C HIS A 47 2.87 29.65 -16.45
N PHE A 48 2.53 29.07 -17.59
CA PHE A 48 3.53 28.45 -18.44
C PHE A 48 3.40 28.90 -19.87
N ILE A 49 4.53 29.21 -20.48
CA ILE A 49 4.54 29.60 -21.87
C ILE A 49 5.10 28.36 -22.56
N VAL A 50 4.37 27.83 -23.53
CA VAL A 50 4.84 26.65 -24.23
C VAL A 50 5.03 27.03 -25.69
N ALA A 51 6.27 27.27 -26.08
CA ALA A 51 6.60 27.67 -27.44
C ALA A 51 6.99 26.44 -28.26
N SER A 52 6.28 26.24 -29.37
CA SER A 52 6.56 25.10 -30.24
C SER A 52 6.83 25.54 -31.67
N THR A 53 6.45 26.76 -32.01
CA THR A 53 6.69 27.28 -33.36
C THR A 53 8.08 27.91 -33.39
N GLU A 54 8.65 28.05 -34.58
CA GLU A 54 9.98 28.63 -34.67
C GLU A 54 9.96 30.08 -34.19
N GLU A 55 8.88 30.79 -34.46
CA GLU A 55 8.75 32.18 -34.04
C GLU A 55 8.65 32.25 -32.51
N GLY A 56 7.89 31.33 -31.93
CA GLY A 56 7.73 31.33 -30.48
C GLY A 56 9.04 31.05 -29.77
N LYS A 57 9.78 30.06 -30.27
CA LYS A 57 11.06 29.69 -29.68
C LYS A 57 12.06 30.84 -29.83
N ALA A 58 11.96 31.56 -30.95
CA ALA A 58 12.85 32.67 -31.18
C ALA A 58 12.61 33.78 -30.15
N ARG A 59 11.35 33.99 -29.79
CA ARG A 59 11.01 35.01 -28.81
C ARG A 59 11.59 34.64 -27.43
N VAL A 60 11.49 33.37 -27.07
CA VAL A 60 12.02 32.92 -25.79
C VAL A 60 13.55 33.04 -25.83
N ALA A 61 14.12 32.64 -26.95
CA ALA A 61 15.57 32.67 -27.15
C ALA A 61 16.19 34.07 -27.01
N LYS A 62 15.35 35.10 -27.00
CA LYS A 62 15.85 36.47 -26.85
C LYS A 62 16.53 36.59 -25.48
N SER A 63 16.08 35.76 -24.53
CA SER A 63 16.61 35.79 -23.18
C SER A 63 17.99 35.12 -23.06
N ALA A 64 18.39 34.38 -24.08
CA ALA A 64 19.69 33.72 -24.06
C ALA A 64 20.68 34.66 -24.72
N ALA A 65 20.76 35.88 -24.19
CA ALA A 65 21.64 36.91 -24.73
C ALA A 65 22.91 37.09 -23.91
N GLY A 66 23.92 37.68 -24.55
CA GLY A 66 25.18 37.93 -23.88
C GLY A 66 25.76 36.71 -23.18
N THR A 67 25.87 36.80 -21.86
CA THR A 67 26.42 35.72 -21.05
C THR A 67 25.71 34.39 -21.26
N TYR A 68 24.44 34.44 -21.58
CA TYR A 68 23.64 33.23 -21.76
C TYR A 68 23.51 32.70 -23.18
N VAL A 69 24.28 33.26 -24.09
CA VAL A 69 24.22 32.83 -25.49
C VAL A 69 24.53 31.35 -25.70
N PHE A 70 25.23 30.73 -24.75
CA PHE A 70 25.56 29.31 -24.89
C PHE A 70 24.35 28.40 -24.65
N ASN A 71 23.22 29.00 -24.30
CA ASN A 71 21.99 28.26 -24.07
C ASN A 71 21.00 28.51 -25.21
N GLU A 72 21.38 29.38 -26.13
CA GLU A 72 20.50 29.72 -27.26
C GLU A 72 20.09 28.53 -28.11
N ARG A 73 21.05 27.71 -28.53
CA ARG A 73 20.72 26.57 -29.37
C ARG A 73 19.75 25.57 -28.76
N LYS A 74 19.85 25.35 -27.45
CA LYS A 74 18.94 24.40 -26.80
C LYS A 74 17.51 24.91 -26.95
N MET A 75 17.34 26.22 -26.82
CA MET A 75 16.02 26.85 -26.93
C MET A 75 15.47 26.87 -28.35
N LEU A 76 16.37 26.90 -29.33
CA LEU A 76 15.96 26.92 -30.73
C LEU A 76 15.78 25.55 -31.36
N ASP A 77 16.61 24.59 -30.97
CA ASP A 77 16.55 23.24 -31.55
C ASP A 77 15.50 22.31 -30.94
N ALA A 78 15.11 22.56 -29.69
CA ALA A 78 14.12 21.72 -29.04
C ALA A 78 12.76 21.75 -29.75
N SER A 79 11.93 20.76 -29.45
CA SER A 79 10.60 20.68 -30.06
C SER A 79 9.64 21.67 -29.38
N HIS A 80 9.59 21.62 -28.06
CA HIS A 80 8.74 22.48 -27.26
C HIS A 80 9.58 23.10 -26.16
N VAL A 81 9.41 24.39 -25.92
CA VAL A 81 10.17 25.05 -24.86
C VAL A 81 9.20 25.62 -23.83
N VAL A 82 9.31 25.14 -22.60
CA VAL A 82 8.42 25.61 -21.55
C VAL A 82 9.07 26.65 -20.66
N VAL A 83 8.40 27.79 -20.51
CA VAL A 83 8.90 28.84 -19.63
C VAL A 83 8.05 28.77 -18.38
N PHE A 84 8.68 28.44 -17.25
CA PHE A 84 7.99 28.35 -15.98
C PHE A 84 7.95 29.73 -15.34
N CYS A 85 6.74 30.22 -15.05
CA CYS A 85 6.58 31.53 -14.44
C CYS A 85 5.84 31.46 -13.12
N ALA A 86 6.18 32.34 -12.20
CA ALA A 86 5.51 32.40 -10.91
C ALA A 86 4.78 33.73 -10.81
N LYS A 87 3.72 33.75 -10.01
CA LYS A 87 2.97 34.98 -9.79
C LYS A 87 3.91 35.89 -9.01
N THR A 88 3.77 37.20 -9.17
CA THR A 88 4.63 38.15 -8.46
C THR A 88 4.04 38.56 -7.12
N ALA A 89 2.74 38.28 -6.93
CA ALA A 89 2.05 38.59 -5.69
C ALA A 89 0.80 37.74 -5.61
N MET A 90 0.48 37.26 -4.41
CA MET A 90 -0.70 36.42 -4.23
C MET A 90 -1.91 37.30 -3.95
N ASP A 91 -2.78 37.44 -4.96
CA ASP A 91 -3.99 38.25 -4.84
C ASP A 91 -5.19 37.40 -4.44
N ASP A 92 -6.16 38.03 -3.78
CA ASP A 92 -7.35 37.30 -3.37
C ASP A 92 -8.08 36.70 -4.56
N ALA A 93 -8.07 37.40 -5.68
CA ALA A 93 -8.75 36.92 -6.88
C ALA A 93 -8.32 35.50 -7.23
N TRP A 94 -7.01 35.27 -7.20
CA TRP A 94 -6.45 33.96 -7.52
C TRP A 94 -6.89 32.91 -6.51
N LEU A 95 -6.81 33.26 -5.23
CA LEU A 95 -7.20 32.35 -4.16
C LEU A 95 -8.65 31.93 -4.32
N GLU A 96 -9.48 32.87 -4.76
CA GLU A 96 -10.89 32.59 -4.96
C GLU A 96 -11.07 31.62 -6.12
N ARG A 97 -10.31 31.81 -7.19
CA ARG A 97 -10.39 30.91 -8.35
C ARG A 97 -10.03 29.48 -7.94
N VAL A 98 -9.01 29.34 -7.10
CA VAL A 98 -8.58 28.02 -6.65
C VAL A 98 -9.68 27.30 -5.90
N VAL A 99 -10.26 27.95 -4.89
CA VAL A 99 -11.29 27.29 -4.11
C VAL A 99 -12.56 27.04 -4.92
N ASP A 100 -12.91 27.95 -5.83
CA ASP A 100 -14.10 27.74 -6.64
C ASP A 100 -13.90 26.56 -7.60
N GLN A 101 -12.68 26.37 -8.09
CA GLN A 101 -12.39 25.26 -8.99
C GLN A 101 -12.46 23.96 -8.20
N GLU A 102 -11.98 23.98 -6.96
CA GLU A 102 -12.04 22.78 -6.13
C GLU A 102 -13.49 22.38 -5.89
N GLU A 103 -14.36 23.36 -5.68
CA GLU A 103 -15.78 23.06 -5.46
C GLU A 103 -16.39 22.50 -6.74
N ALA A 104 -15.99 23.06 -7.89
CA ALA A 104 -16.52 22.60 -9.16
C ALA A 104 -16.12 21.15 -9.41
N ASP A 105 -14.94 20.77 -8.94
CA ASP A 105 -14.44 19.41 -9.12
C ASP A 105 -14.98 18.43 -8.08
N GLY A 106 -15.85 18.91 -7.20
CA GLY A 106 -16.46 18.06 -6.20
C GLY A 106 -15.63 17.68 -4.98
N ARG A 107 -14.75 18.57 -4.54
CA ARG A 107 -13.91 18.27 -3.38
C ARG A 107 -14.53 18.66 -2.04
N PHE A 108 -15.67 19.32 -2.06
CA PHE A 108 -16.34 19.74 -0.83
C PHE A 108 -17.72 19.11 -0.68
N ASN A 109 -18.02 18.57 0.50
CA ASN A 109 -19.31 17.93 0.72
C ASN A 109 -20.35 18.89 1.29
N THR A 110 -19.91 20.06 1.73
CA THR A 110 -20.81 21.07 2.28
C THR A 110 -20.25 22.47 2.02
N PRO A 111 -21.10 23.50 2.12
CA PRO A 111 -20.64 24.87 1.90
C PRO A 111 -19.64 25.23 2.99
N GLU A 112 -19.90 24.76 4.21
CA GLU A 112 -19.02 25.03 5.33
C GLU A 112 -17.61 24.50 5.03
N ALA A 113 -17.55 23.34 4.40
CA ALA A 113 -16.27 22.71 4.05
C ALA A 113 -15.49 23.61 3.09
N LYS A 114 -16.19 24.21 2.14
CA LYS A 114 -15.53 25.11 1.19
C LYS A 114 -15.05 26.35 1.91
N ALA A 115 -15.91 26.94 2.74
CA ALA A 115 -15.54 28.14 3.48
C ALA A 115 -14.31 27.89 4.33
N ALA A 116 -14.26 26.72 4.96
CA ALA A 116 -13.14 26.36 5.82
C ALA A 116 -11.86 26.25 5.01
N ASN A 117 -11.97 25.65 3.83
CA ASN A 117 -10.82 25.48 2.95
C ASN A 117 -10.31 26.86 2.52
N HIS A 118 -11.24 27.74 2.16
CA HIS A 118 -10.89 29.09 1.74
C HIS A 118 -10.24 29.87 2.88
N LYS A 119 -10.82 29.77 4.07
CA LYS A 119 -10.30 30.47 5.24
C LYS A 119 -8.86 30.02 5.51
N GLY A 120 -8.65 28.70 5.50
CA GLY A 120 -7.33 28.16 5.74
C GLY A 120 -6.29 28.58 4.72
N ARG A 121 -6.66 28.52 3.44
CA ARG A 121 -5.73 28.91 2.39
C ARG A 121 -5.38 30.39 2.54
N THR A 122 -6.39 31.20 2.85
CA THR A 122 -6.17 32.64 3.02
C THR A 122 -5.28 32.89 4.23
N TYR A 123 -5.49 32.12 5.29
CA TYR A 123 -4.70 32.25 6.52
C TYR A 123 -3.21 32.06 6.23
N PHE A 124 -2.88 31.00 5.51
CA PHE A 124 -1.48 30.73 5.18
C PHE A 124 -0.96 31.68 4.11
N ALA A 125 -1.83 32.12 3.22
CA ALA A 125 -1.43 33.06 2.19
C ALA A 125 -1.04 34.36 2.89
N ASP A 126 -1.83 34.77 3.88
CA ASP A 126 -1.56 35.99 4.63
C ASP A 126 -0.27 35.89 5.43
N MET A 127 0.04 34.69 5.91
CA MET A 127 1.27 34.49 6.66
C MET A 127 2.44 34.95 5.81
N HIS A 128 2.38 34.65 4.51
CA HIS A 128 3.43 35.05 3.58
C HIS A 128 3.27 36.48 3.08
N ARG A 129 2.04 36.84 2.68
CA ARG A 129 1.74 38.16 2.16
C ARG A 129 1.88 39.27 3.19
N VAL A 130 1.25 39.08 4.33
CA VAL A 130 1.23 40.07 5.40
C VAL A 130 2.40 40.02 6.38
N ASP A 131 2.55 38.90 7.08
CA ASP A 131 3.61 38.79 8.09
C ASP A 131 5.04 38.69 7.56
N LEU A 132 5.35 37.60 6.86
CA LEU A 132 6.69 37.38 6.34
C LEU A 132 7.07 38.26 5.15
N LYS A 133 6.06 38.73 4.41
CA LYS A 133 6.32 39.56 3.24
C LYS A 133 7.21 38.80 2.25
N ASP A 134 6.93 37.52 2.07
CA ASP A 134 7.73 36.69 1.17
C ASP A 134 6.87 35.83 0.23
N ASP A 135 5.64 36.28 -0.04
CA ASP A 135 4.78 35.50 -0.92
C ASP A 135 5.41 35.33 -2.30
N ASP A 136 6.26 36.26 -2.71
CA ASP A 136 6.91 36.14 -4.01
C ASP A 136 7.86 34.93 -4.01
N GLN A 137 8.67 34.80 -2.96
CA GLN A 137 9.60 33.67 -2.87
C GLN A 137 8.86 32.37 -2.59
N TRP A 138 7.75 32.47 -1.86
CA TRP A 138 6.94 31.30 -1.54
C TRP A 138 6.37 30.70 -2.81
N MET A 139 5.87 31.55 -3.70
CA MET A 139 5.29 31.07 -4.95
C MET A 139 6.36 30.57 -5.91
N ALA A 140 7.51 31.25 -5.93
CA ALA A 140 8.59 30.82 -6.80
C ALA A 140 9.00 29.40 -6.40
N LYS A 141 8.96 29.13 -5.10
CA LYS A 141 9.31 27.80 -4.62
C LYS A 141 8.37 26.74 -5.18
N GLN A 142 7.07 27.06 -5.25
CA GLN A 142 6.09 26.11 -5.78
C GLN A 142 6.37 25.83 -7.25
N VAL A 143 6.87 26.84 -7.96
CA VAL A 143 7.16 26.67 -9.37
C VAL A 143 8.34 25.74 -9.57
N TYR A 144 9.37 25.87 -8.74
CA TYR A 144 10.52 24.99 -8.84
C TYR A 144 10.10 23.55 -8.55
N LEU A 145 9.15 23.39 -7.65
CA LEU A 145 8.67 22.05 -7.33
C LEU A 145 8.02 21.50 -8.60
N ASN A 146 7.30 22.36 -9.32
CA ASN A 146 6.66 21.96 -10.56
C ASN A 146 7.73 21.53 -11.55
N VAL A 147 8.82 22.30 -11.61
CA VAL A 147 9.93 21.97 -12.52
C VAL A 147 10.47 20.57 -12.17
N GLY A 148 10.65 20.31 -10.88
CA GLY A 148 11.16 19.02 -10.45
C GLY A 148 10.25 17.89 -10.89
N ASN A 149 8.95 18.09 -10.72
CA ASN A 149 7.95 17.12 -11.12
C ASN A 149 8.03 16.92 -12.64
N PHE A 150 8.11 18.03 -13.36
CA PHE A 150 8.17 18.01 -14.81
C PHE A 150 9.38 17.26 -15.39
N LEU A 151 10.58 17.57 -14.90
CA LEU A 151 11.79 16.92 -15.41
C LEU A 151 11.76 15.40 -15.28
N LEU A 152 11.27 14.90 -14.15
CA LEU A 152 11.21 13.46 -13.95
C LEU A 152 10.10 12.88 -14.82
N GLY A 153 9.00 13.63 -14.94
CA GLY A 153 7.88 13.17 -15.76
C GLY A 153 8.24 13.05 -17.22
N VAL A 154 8.91 14.05 -17.78
CA VAL A 154 9.30 13.98 -19.18
C VAL A 154 10.33 12.87 -19.38
N GLY A 155 11.19 12.66 -18.38
CA GLY A 155 12.16 11.60 -18.47
C GLY A 155 11.47 10.25 -18.50
N ALA A 156 10.40 10.13 -17.73
CA ALA A 156 9.63 8.89 -17.67
C ALA A 156 8.85 8.66 -18.96
N MET A 157 8.72 9.72 -19.76
CA MET A 157 8.02 9.63 -21.04
C MET A 157 9.01 9.22 -22.13
N GLY A 158 10.28 9.12 -21.77
CA GLY A 158 11.29 8.74 -22.74
C GLY A 158 11.71 9.95 -23.55
N LEU A 159 11.33 11.13 -23.07
CA LEU A 159 11.68 12.38 -23.74
C LEU A 159 12.90 13.02 -23.08
N ASP A 160 13.53 13.93 -23.80
CA ASP A 160 14.69 14.64 -23.30
C ASP A 160 14.35 16.08 -22.98
N ALA A 161 15.03 16.63 -22.00
CA ALA A 161 14.81 18.00 -21.59
C ALA A 161 16.04 18.52 -20.87
N VAL A 162 16.06 19.82 -20.64
CA VAL A 162 17.17 20.44 -19.94
C VAL A 162 16.65 21.68 -19.24
N PRO A 163 16.81 21.73 -17.91
CA PRO A 163 16.35 22.89 -17.14
C PRO A 163 17.35 24.02 -17.34
N ILE A 164 16.86 25.24 -17.50
CA ILE A 164 17.73 26.37 -17.75
C ILE A 164 17.48 27.59 -16.87
N GLU A 165 18.50 28.00 -16.13
CA GLU A 165 18.43 29.18 -15.27
C GLU A 165 19.30 30.23 -15.96
N GLY A 166 20.11 29.76 -16.90
CA GLY A 166 20.99 30.64 -17.64
C GLY A 166 20.30 31.44 -18.73
N PHE A 167 19.42 32.34 -18.32
CA PHE A 167 18.71 33.20 -19.26
C PHE A 167 18.41 34.52 -18.56
N ASP A 168 18.18 35.56 -19.35
CA ASP A 168 17.88 36.88 -18.80
C ASP A 168 16.37 36.98 -18.62
N ALA A 169 15.91 36.84 -17.37
CA ALA A 169 14.50 36.88 -17.06
C ALA A 169 13.89 38.26 -17.32
N ALA A 170 14.67 39.31 -17.14
CA ALA A 170 14.16 40.67 -17.38
C ALA A 170 13.78 40.77 -18.85
N ILE A 171 14.63 40.25 -19.72
CA ILE A 171 14.37 40.28 -21.15
C ILE A 171 13.16 39.41 -21.49
N LEU A 172 13.11 38.23 -20.89
CA LEU A 172 12.02 37.30 -21.15
C LEU A 172 10.69 37.87 -20.66
N ASP A 173 10.70 38.46 -19.47
CA ASP A 173 9.49 39.07 -18.91
C ASP A 173 8.97 40.15 -19.86
N GLU A 174 9.86 41.02 -20.30
CA GLU A 174 9.51 42.10 -21.22
C GLU A 174 8.93 41.57 -22.53
N GLU A 175 9.60 40.57 -23.10
CA GLU A 175 9.16 39.98 -24.36
C GLU A 175 7.74 39.43 -24.32
N PHE A 176 7.31 38.93 -23.17
CA PHE A 176 5.97 38.37 -23.04
C PHE A 176 5.04 39.18 -22.15
N GLY A 177 5.47 40.40 -21.80
CA GLY A 177 4.67 41.28 -20.96
C GLY A 177 4.16 40.62 -19.69
N LEU A 178 5.00 39.79 -19.09
CA LEU A 178 4.63 39.07 -17.87
C LEU A 178 4.42 39.98 -16.68
N LYS A 179 5.25 41.01 -16.58
CA LYS A 179 5.18 41.97 -15.48
C LYS A 179 3.75 42.49 -15.32
N GLU A 180 3.18 42.94 -16.43
CA GLU A 180 1.83 43.48 -16.45
C GLU A 180 0.77 42.41 -16.18
N LYS A 181 1.11 41.15 -16.45
CA LYS A 181 0.18 40.06 -16.23
C LYS A 181 0.30 39.48 -14.83
N GLY A 182 1.28 39.97 -14.07
CA GLY A 182 1.48 39.51 -12.70
C GLY A 182 2.35 38.27 -12.59
N PHE A 183 3.23 38.05 -13.55
CA PHE A 183 4.12 36.88 -13.53
C PHE A 183 5.57 37.26 -13.83
N THR A 184 6.47 36.35 -13.50
CA THR A 184 7.90 36.54 -13.78
C THR A 184 8.48 35.18 -14.12
N SER A 185 9.35 35.14 -15.12
CA SER A 185 9.96 33.89 -15.57
C SER A 185 11.08 33.43 -14.64
N LEU A 186 11.12 32.12 -14.36
CA LEU A 186 12.11 31.55 -13.46
C LEU A 186 13.01 30.49 -14.09
N VAL A 187 12.40 29.56 -14.83
CA VAL A 187 13.15 28.49 -15.47
C VAL A 187 12.62 28.21 -16.86
N VAL A 188 13.54 27.98 -17.79
CA VAL A 188 13.18 27.66 -19.17
C VAL A 188 13.54 26.20 -19.35
N VAL A 189 12.61 25.41 -19.89
CA VAL A 189 12.86 23.99 -20.09
C VAL A 189 12.58 23.50 -21.50
N PRO A 190 13.62 23.42 -22.35
CA PRO A 190 13.42 22.95 -23.72
C PRO A 190 13.17 21.44 -23.62
N VAL A 191 12.24 20.93 -24.42
CA VAL A 191 11.90 19.52 -24.41
C VAL A 191 11.93 18.97 -25.83
N GLY A 192 12.37 17.72 -25.97
CA GLY A 192 12.42 17.09 -27.28
C GLY A 192 13.21 15.79 -27.26
N HIS A 193 14.08 15.62 -28.25
CA HIS A 193 14.92 14.43 -28.37
C HIS A 193 16.37 14.86 -28.57
N HIS A 194 17.28 14.31 -27.78
CA HIS A 194 18.68 14.70 -27.91
C HIS A 194 19.27 14.21 -29.23
N SER A 195 20.24 14.96 -29.75
CA SER A 195 20.90 14.58 -31.00
C SER A 195 22.06 13.65 -30.69
N VAL A 196 22.69 13.11 -31.73
CA VAL A 196 23.82 12.21 -31.55
C VAL A 196 24.98 12.95 -30.91
N GLU A 197 25.00 14.27 -31.10
CA GLU A 197 26.06 15.12 -30.56
C GLU A 197 25.90 15.46 -29.08
N ASP A 198 24.78 15.07 -28.50
CA ASP A 198 24.53 15.35 -27.08
C ASP A 198 25.44 14.46 -26.23
N PHE A 199 26.67 14.92 -26.03
CA PHE A 199 27.68 14.20 -25.28
C PHE A 199 27.27 13.88 -23.85
N ASN A 200 26.39 14.70 -23.28
CA ASN A 200 25.96 14.49 -21.90
C ASN A 200 25.04 13.30 -21.74
N ALA A 201 24.59 12.74 -22.86
CA ALA A 201 23.71 11.58 -22.84
C ALA A 201 24.47 10.33 -22.40
N THR A 202 25.76 10.32 -22.64
CA THR A 202 26.59 9.16 -22.29
C THR A 202 27.51 9.33 -21.08
N LEU A 203 27.73 10.55 -20.64
CA LEU A 203 28.59 10.77 -19.47
C LEU A 203 27.89 10.26 -18.22
N PRO A 204 28.63 9.60 -17.31
CA PRO A 204 28.01 9.09 -16.09
C PRO A 204 27.46 10.20 -15.21
N LYS A 205 26.39 9.90 -14.47
CA LYS A 205 25.78 10.89 -13.58
C LYS A 205 26.64 11.03 -12.35
N SER A 206 26.73 12.24 -11.82
CA SER A 206 27.55 12.46 -10.64
C SER A 206 26.81 13.18 -9.52
N ARG A 207 26.83 12.58 -8.34
CA ARG A 207 26.20 13.16 -7.16
C ARG A 207 27.06 12.85 -5.95
N LEU A 208 26.95 13.72 -4.93
CA LEU A 208 27.70 13.52 -3.71
C LEU A 208 27.16 12.25 -3.07
N PRO A 209 27.97 11.58 -2.24
CA PRO A 209 27.54 10.34 -1.59
C PRO A 209 26.46 10.47 -0.52
N LEU A 210 25.68 9.41 -0.35
CA LEU A 210 24.62 9.39 0.65
C LEU A 210 25.15 9.66 2.05
N SER A 211 26.37 9.22 2.33
CA SER A 211 26.96 9.44 3.65
C SER A 211 27.08 10.91 3.99
N THR A 212 27.12 11.76 2.96
CA THR A 212 27.21 13.21 3.16
C THR A 212 25.85 13.89 3.20
N ILE A 213 25.00 13.58 2.23
CA ILE A 213 23.69 14.21 2.10
C ILE A 213 22.51 13.66 2.91
N VAL A 214 22.61 12.44 3.40
CA VAL A 214 21.52 11.84 4.15
C VAL A 214 21.86 11.48 5.60
N THR A 215 20.92 11.75 6.50
CA THR A 215 21.06 11.43 7.91
C THR A 215 19.84 10.58 8.24
N GLU A 216 20.08 9.34 8.67
CA GLU A 216 18.98 8.45 9.01
C GLU A 216 18.72 8.47 10.51
N CYS A 217 17.46 8.56 10.90
CA CYS A 217 17.07 8.60 12.30
C CYS A 217 15.79 7.80 12.54
N ASP B 2 2.26 4.07 -16.90
CA ASP B 2 2.29 5.40 -17.57
C ASP B 2 2.51 6.50 -16.52
N ILE B 3 3.50 7.36 -16.74
CA ILE B 3 3.80 8.42 -15.79
C ILE B 3 2.67 9.44 -15.71
N ILE B 4 1.90 9.60 -16.77
CA ILE B 4 0.80 10.56 -16.73
C ILE B 4 -0.32 10.03 -15.82
N SER B 5 -0.52 8.71 -15.84
CA SER B 5 -1.54 8.12 -14.97
C SER B 5 -1.10 8.34 -13.53
N VAL B 6 0.21 8.27 -13.30
CA VAL B 6 0.75 8.48 -11.96
C VAL B 6 0.46 9.91 -11.51
N ALA B 7 0.73 10.88 -12.38
CA ALA B 7 0.49 12.29 -12.04
C ALA B 7 -0.98 12.54 -11.76
N LEU B 8 -1.86 11.90 -12.52
CA LEU B 8 -3.29 12.08 -12.34
C LEU B 8 -3.84 11.30 -11.16
N LYS B 9 -3.06 10.35 -10.65
CA LYS B 9 -3.52 9.52 -9.54
C LYS B 9 -2.90 9.77 -8.16
N ARG B 10 -1.63 10.19 -8.12
CA ARG B 10 -0.98 10.45 -6.83
C ARG B 10 -1.78 11.53 -6.09
N HIS B 11 -1.71 11.53 -4.77
CA HIS B 11 -2.44 12.53 -4.01
C HIS B 11 -1.75 12.81 -2.69
N SER B 12 -2.11 13.91 -2.04
CA SER B 12 -1.53 14.23 -0.75
C SER B 12 -2.26 13.41 0.30
N THR B 13 -1.56 12.43 0.85
CA THR B 13 -2.11 11.53 1.85
C THR B 13 -2.44 12.23 3.15
N LYS B 14 -3.68 12.07 3.61
CA LYS B 14 -4.12 12.70 4.85
C LYS B 14 -4.11 11.73 6.02
N ALA B 15 -3.93 10.45 5.74
CA ALA B 15 -3.89 9.43 6.78
C ALA B 15 -3.11 8.22 6.30
N PHE B 16 -2.10 7.83 7.07
CA PHE B 16 -1.29 6.67 6.72
C PHE B 16 -1.62 5.47 7.60
N ASP B 17 -1.39 4.28 7.06
CA ASP B 17 -1.58 3.04 7.80
C ASP B 17 -0.24 2.86 8.50
N ALA B 18 -0.21 3.12 9.80
CA ALA B 18 1.01 3.03 10.60
C ALA B 18 1.69 1.67 10.63
N SER B 19 1.01 0.63 10.15
CA SER B 19 1.59 -0.70 10.16
C SER B 19 2.34 -1.05 8.88
N LYS B 20 2.15 -0.25 7.83
CA LYS B 20 2.81 -0.53 6.56
C LYS B 20 4.12 0.22 6.41
N LYS B 21 5.22 -0.52 6.40
CA LYS B 21 6.54 0.08 6.28
C LYS B 21 7.13 -0.13 4.90
N LEU B 22 8.06 0.75 4.52
CA LEU B 22 8.72 0.59 3.24
C LEU B 22 9.59 -0.65 3.38
N THR B 23 9.78 -1.37 2.28
CA THR B 23 10.63 -2.55 2.32
C THR B 23 12.07 -2.03 2.35
N ALA B 24 13.02 -2.92 2.62
CA ALA B 24 14.41 -2.52 2.64
C ALA B 24 14.77 -1.90 1.29
N GLU B 25 14.35 -2.56 0.22
CA GLU B 25 14.63 -2.09 -1.13
C GLU B 25 13.99 -0.72 -1.40
N GLU B 26 12.75 -0.53 -0.96
CA GLU B 26 12.09 0.76 -1.17
C GLU B 26 12.78 1.87 -0.39
N ALA B 27 13.29 1.55 0.80
CA ALA B 27 13.97 2.53 1.63
C ALA B 27 15.26 2.99 0.95
N GLU B 28 15.91 2.08 0.25
CA GLU B 28 17.13 2.42 -0.46
C GLU B 28 16.79 3.26 -1.69
N LYS B 29 15.68 2.92 -2.33
CA LYS B 29 15.24 3.64 -3.52
C LYS B 29 14.82 5.09 -3.28
N ILE B 30 14.16 5.37 -2.15
CA ILE B 30 13.77 6.77 -1.94
C ILE B 30 15.01 7.61 -1.68
N LYS B 31 16.06 7.00 -1.11
CA LYS B 31 17.29 7.75 -0.88
C LYS B 31 17.95 8.04 -2.22
N THR B 32 17.87 7.08 -3.15
CA THR B 32 18.43 7.28 -4.49
C THR B 32 17.73 8.45 -5.15
N LEU B 33 16.41 8.55 -4.98
CA LEU B 33 15.63 9.64 -5.56
C LEU B 33 16.09 11.01 -5.03
N LEU B 34 16.27 11.10 -3.72
CA LEU B 34 16.71 12.35 -3.11
C LEU B 34 18.08 12.75 -3.66
N GLN B 35 18.99 11.78 -3.70
CA GLN B 35 20.35 11.99 -4.18
C GLN B 35 20.49 12.38 -5.65
N TYR B 36 19.76 11.72 -6.53
CA TYR B 36 19.90 12.00 -7.95
C TYR B 36 19.06 13.09 -8.59
N SER B 37 18.36 13.87 -7.78
CA SER B 37 17.58 14.97 -8.32
C SER B 37 18.56 15.96 -8.97
N PRO B 38 18.16 16.60 -10.07
CA PRO B 38 19.08 17.56 -10.69
C PRO B 38 19.00 18.85 -9.87
N SER B 39 19.89 19.80 -10.16
CA SER B 39 19.93 21.09 -9.47
C SER B 39 20.82 21.99 -10.30
N SER B 40 20.64 23.31 -10.15
CA SER B 40 21.44 24.26 -10.90
C SER B 40 22.93 24.05 -10.64
N THR B 41 23.69 23.86 -11.72
CA THR B 41 25.14 23.62 -11.69
C THR B 41 25.48 22.37 -10.88
N ASN B 42 24.48 21.53 -10.65
CA ASN B 42 24.67 20.31 -9.88
C ASN B 42 25.18 20.69 -8.48
N SER B 43 24.71 21.83 -7.99
CA SER B 43 25.12 22.34 -6.69
C SER B 43 24.67 21.49 -5.51
N GLN B 44 23.61 20.71 -5.69
CA GLN B 44 23.10 19.82 -4.63
C GLN B 44 23.22 20.50 -3.25
N PRO B 45 22.70 21.74 -3.13
CA PRO B 45 22.75 22.50 -1.87
C PRO B 45 21.76 22.00 -0.84
N TRP B 46 21.83 20.70 -0.54
CA TRP B 46 20.86 20.11 0.37
C TRP B 46 21.35 19.03 1.32
N HIS B 47 20.47 18.70 2.25
CA HIS B 47 20.71 17.63 3.22
C HIS B 47 19.34 17.07 3.57
N PHE B 48 19.27 15.75 3.78
CA PHE B 48 18.00 15.13 4.10
C PHE B 48 18.05 14.33 5.38
N ILE B 49 17.01 14.48 6.20
CA ILE B 49 16.92 13.71 7.42
C ILE B 49 15.84 12.70 7.07
N VAL B 50 16.17 11.42 7.15
CA VAL B 50 15.20 10.37 6.84
C VAL B 50 14.91 9.64 8.13
N ALA B 51 13.77 9.99 8.75
CA ALA B 51 13.37 9.40 10.01
C ALA B 51 12.44 8.21 9.85
N SER B 52 12.85 7.06 10.36
CA SER B 52 12.04 5.86 10.25
C SER B 52 11.76 5.22 11.61
N THR B 53 12.56 5.55 12.62
CA THR B 53 12.32 5.00 13.95
C THR B 53 11.20 5.78 14.62
N GLU B 54 10.53 5.19 15.60
CA GLU B 54 9.45 5.88 16.27
C GLU B 54 9.92 7.19 16.92
N GLU B 55 11.05 7.15 17.60
CA GLU B 55 11.54 8.37 18.24
C GLU B 55 11.94 9.40 17.19
N GLY B 56 12.58 8.93 16.11
CA GLY B 56 13.00 9.84 15.06
C GLY B 56 11.82 10.62 14.50
N LYS B 57 10.74 9.91 14.17
CA LYS B 57 9.55 10.57 13.63
C LYS B 57 8.93 11.46 14.69
N ALA B 58 8.91 11.01 15.93
CA ALA B 58 8.34 11.79 17.03
C ALA B 58 9.08 13.12 17.17
N ARG B 59 10.39 13.10 16.96
CA ARG B 59 11.19 14.33 17.06
C ARG B 59 10.82 15.29 15.94
N VAL B 60 10.57 14.76 14.74
CA VAL B 60 10.18 15.59 13.61
C VAL B 60 8.78 16.14 13.90
N ALA B 61 7.91 15.28 14.42
CA ALA B 61 6.53 15.65 14.75
C ALA B 61 6.43 16.81 15.73
N LYS B 62 7.48 17.04 16.50
CA LYS B 62 7.49 18.15 17.45
C LYS B 62 7.20 19.47 16.74
N SER B 63 7.63 19.56 15.49
CA SER B 63 7.44 20.78 14.69
C SER B 63 6.00 21.02 14.27
N ALA B 64 5.15 19.99 14.40
CA ALA B 64 3.75 20.12 14.02
C ALA B 64 2.89 20.43 15.24
N ALA B 65 3.37 21.32 16.09
CA ALA B 65 2.64 21.69 17.31
C ALA B 65 1.73 22.90 17.09
N GLY B 66 0.77 23.05 17.99
CA GLY B 66 -0.16 24.17 17.91
C GLY B 66 -1.05 24.17 16.67
N THR B 67 -1.02 25.27 15.94
CA THR B 67 -1.82 25.42 14.71
C THR B 67 -1.61 24.27 13.74
N TYR B 68 -0.36 23.81 13.63
CA TYR B 68 0.00 22.74 12.72
C TYR B 68 -0.28 21.31 13.19
N VAL B 69 -0.93 21.15 14.34
CA VAL B 69 -1.20 19.80 14.84
C VAL B 69 -1.93 18.91 13.85
N PHE B 70 -2.63 19.50 12.89
CA PHE B 70 -3.34 18.70 11.90
C PHE B 70 -2.38 17.91 11.00
N ASN B 71 -1.08 18.16 11.14
CA ASN B 71 -0.07 17.46 10.36
C ASN B 71 0.72 16.47 11.21
N GLU B 72 0.48 16.47 12.52
CA GLU B 72 1.21 15.59 13.44
C GLU B 72 1.08 14.10 13.15
N ARG B 73 -0.15 13.61 13.00
CA ARG B 73 -0.37 12.18 12.75
C ARG B 73 0.23 11.70 11.43
N LYS B 74 0.32 12.59 10.44
CA LYS B 74 0.90 12.23 9.16
C LYS B 74 2.37 11.86 9.38
N MET B 75 3.06 12.67 10.19
CA MET B 75 4.47 12.44 10.48
C MET B 75 4.70 11.22 11.36
N LEU B 76 3.79 10.99 12.30
CA LEU B 76 3.91 9.85 13.21
C LEU B 76 3.57 8.49 12.59
N ASP B 77 2.53 8.45 11.77
CA ASP B 77 2.08 7.18 11.19
C ASP B 77 2.80 6.73 9.93
N ALA B 78 3.36 7.66 9.17
CA ALA B 78 4.08 7.30 7.94
C ALA B 78 5.27 6.41 8.28
N SER B 79 5.73 5.63 7.31
CA SER B 79 6.87 4.75 7.52
C SER B 79 8.19 5.51 7.62
N HIS B 80 8.43 6.34 6.61
CA HIS B 80 9.64 7.15 6.54
C HIS B 80 9.26 8.62 6.34
N VAL B 81 9.83 9.49 7.15
CA VAL B 81 9.56 10.92 7.06
C VAL B 81 10.84 11.63 6.64
N VAL B 82 10.81 12.26 5.46
CA VAL B 82 11.98 12.97 4.95
C VAL B 82 11.91 14.47 5.20
N VAL B 83 12.95 15.01 5.83
CA VAL B 83 13.00 16.44 6.07
C VAL B 83 13.96 17.00 5.02
N PHE B 84 13.42 17.80 4.11
CA PHE B 84 14.22 18.42 3.06
C PHE B 84 14.86 19.70 3.60
N CYS B 85 16.19 19.76 3.59
CA CYS B 85 16.90 20.92 4.10
C CYS B 85 17.78 21.55 3.03
N ALA B 86 17.96 22.86 3.14
CA ALA B 86 18.81 23.58 2.20
C ALA B 86 20.01 24.12 2.98
N LYS B 87 21.15 24.23 2.32
CA LYS B 87 22.33 24.78 3.00
C LYS B 87 21.95 26.23 3.28
N THR B 88 22.54 26.82 4.32
CA THR B 88 22.25 28.20 4.68
C THR B 88 23.16 29.19 3.94
N ALA B 89 24.25 28.69 3.39
CA ALA B 89 25.19 29.54 2.65
C ALA B 89 26.02 28.67 1.72
N MET B 90 26.30 29.17 0.52
CA MET B 90 27.10 28.41 -0.42
C MET B 90 28.58 28.71 -0.26
N ASP B 91 29.31 27.76 0.32
CA ASP B 91 30.74 27.91 0.56
C ASP B 91 31.58 27.36 -0.58
N ASP B 92 32.78 27.89 -0.75
CA ASP B 92 33.68 27.45 -1.81
C ASP B 92 33.98 25.95 -1.71
N ALA B 93 34.15 25.46 -0.49
CA ALA B 93 34.45 24.05 -0.26
C ALA B 93 33.40 23.17 -0.93
N TRP B 94 32.14 23.53 -0.76
CA TRP B 94 31.04 22.76 -1.33
C TRP B 94 31.11 22.79 -2.86
N LEU B 95 31.42 23.96 -3.42
CA LEU B 95 31.52 24.10 -4.87
C LEU B 95 32.66 23.23 -5.40
N GLU B 96 33.79 23.22 -4.67
CA GLU B 96 34.93 22.42 -5.10
C GLU B 96 34.57 20.94 -5.00
N ARG B 97 33.84 20.56 -3.96
CA ARG B 97 33.42 19.18 -3.77
C ARG B 97 32.66 18.67 -4.98
N VAL B 98 31.71 19.48 -5.46
CA VAL B 98 30.89 19.10 -6.60
C VAL B 98 31.73 18.85 -7.85
N VAL B 99 32.62 19.77 -8.19
CA VAL B 99 33.43 19.58 -9.39
C VAL B 99 34.40 18.42 -9.21
N ASP B 100 34.96 18.29 -8.01
CA ASP B 100 35.89 17.20 -7.75
C ASP B 100 35.19 15.84 -7.80
N GLN B 101 33.91 15.83 -7.42
CA GLN B 101 33.14 14.60 -7.46
C GLN B 101 32.84 14.26 -8.92
N GLU B 102 32.53 15.28 -9.72
CA GLU B 102 32.25 15.04 -11.14
C GLU B 102 33.51 14.54 -11.84
N GLU B 103 34.67 15.05 -11.42
CA GLU B 103 35.96 14.63 -12.00
C GLU B 103 36.16 13.16 -11.59
N ALA B 104 35.98 12.90 -10.30
CA ALA B 104 36.14 11.55 -9.76
C ALA B 104 35.20 10.57 -10.47
N ASP B 105 34.02 11.04 -10.85
CA ASP B 105 33.05 10.20 -11.54
C ASP B 105 33.33 10.10 -13.05
N GLY B 106 34.43 10.72 -13.48
CA GLY B 106 34.82 10.66 -14.88
C GLY B 106 34.01 11.46 -15.88
N ARG B 107 33.49 12.61 -15.47
CA ARG B 107 32.72 13.43 -16.38
C ARG B 107 33.56 14.38 -17.23
N PHE B 108 34.87 14.41 -16.97
CA PHE B 108 35.77 15.29 -17.72
C PHE B 108 36.87 14.54 -18.48
N ASN B 109 36.77 14.54 -19.81
CA ASN B 109 37.75 13.87 -20.65
C ASN B 109 39.07 14.61 -20.71
N THR B 110 39.02 15.92 -20.46
CA THR B 110 40.21 16.77 -20.49
C THR B 110 40.20 17.77 -19.34
N PRO B 111 41.38 18.32 -18.99
CA PRO B 111 41.46 19.31 -17.92
C PRO B 111 40.65 20.55 -18.29
N GLU B 112 40.57 20.83 -19.58
CA GLU B 112 39.83 21.99 -20.08
C GLU B 112 38.34 21.80 -19.78
N ALA B 113 37.89 20.56 -19.88
CA ALA B 113 36.49 20.25 -19.62
C ALA B 113 36.18 20.53 -18.15
N LYS B 114 37.07 20.11 -17.26
CA LYS B 114 36.86 20.35 -15.83
C LYS B 114 36.87 21.84 -15.52
N ALA B 115 37.83 22.54 -16.14
CA ALA B 115 37.96 23.98 -15.94
C ALA B 115 36.70 24.71 -16.37
N ALA B 116 36.15 24.33 -17.52
CA ALA B 116 34.94 24.96 -18.03
C ALA B 116 33.80 24.78 -17.04
N ASN B 117 33.71 23.58 -16.46
CA ASN B 117 32.65 23.29 -15.50
C ASN B 117 32.85 24.09 -14.23
N HIS B 118 34.08 24.16 -13.74
CA HIS B 118 34.39 24.90 -12.53
C HIS B 118 34.11 26.39 -12.76
N LYS B 119 34.51 26.90 -13.92
CA LYS B 119 34.29 28.30 -14.26
C LYS B 119 32.82 28.63 -14.26
N GLY B 120 32.02 27.80 -14.91
CA GLY B 120 30.59 28.02 -14.99
C GLY B 120 29.92 28.05 -13.63
N ARG B 121 30.20 27.06 -12.80
CA ARG B 121 29.60 26.99 -11.48
C ARG B 121 29.97 28.21 -10.63
N THR B 122 31.25 28.58 -10.66
CA THR B 122 31.73 29.73 -9.90
C THR B 122 31.01 31.00 -10.31
N TYR B 123 30.90 31.21 -11.62
CA TYR B 123 30.23 32.40 -12.15
C TYR B 123 28.81 32.58 -11.62
N PHE B 124 28.02 31.52 -11.68
CA PHE B 124 26.64 31.60 -11.22
C PHE B 124 26.47 31.48 -9.71
N ALA B 125 27.37 30.77 -9.05
CA ALA B 125 27.30 30.65 -7.61
C ALA B 125 27.55 32.06 -7.08
N ASP B 126 28.54 32.73 -7.67
CA ASP B 126 28.88 34.10 -7.28
C ASP B 126 27.78 35.09 -7.61
N MET B 127 27.08 34.87 -8.72
CA MET B 127 26.00 35.76 -9.10
C MET B 127 24.98 35.82 -7.96
N HIS B 128 24.77 34.68 -7.30
CA HIS B 128 23.82 34.63 -6.19
C HIS B 128 24.46 34.99 -4.84
N ARG B 129 25.69 34.54 -4.61
CA ARG B 129 26.38 34.81 -3.35
C ARG B 129 26.85 36.24 -3.20
N VAL B 130 27.17 36.89 -4.32
CA VAL B 130 27.67 38.27 -4.27
C VAL B 130 26.80 39.29 -4.97
N ASP B 131 26.62 39.11 -6.27
CA ASP B 131 25.82 40.02 -7.08
C ASP B 131 24.42 40.28 -6.55
N LEU B 132 23.69 39.21 -6.24
CA LEU B 132 22.32 39.32 -5.77
C LEU B 132 22.13 39.07 -4.27
N LYS B 133 23.14 38.51 -3.63
CA LYS B 133 23.06 38.20 -2.20
C LYS B 133 21.76 37.44 -1.93
N ASP B 134 21.49 36.43 -2.75
CA ASP B 134 20.27 35.63 -2.58
C ASP B 134 20.52 34.14 -2.69
N ASP B 135 21.75 33.71 -2.39
CA ASP B 135 22.07 32.28 -2.49
C ASP B 135 21.20 31.43 -1.58
N ASP B 136 20.70 32.00 -0.48
CA ASP B 136 19.84 31.23 0.42
C ASP B 136 18.54 30.88 -0.32
N GLN B 137 17.97 31.85 -1.02
CA GLN B 137 16.74 31.61 -1.75
C GLN B 137 16.98 30.71 -2.97
N TRP B 138 18.13 30.89 -3.60
CA TRP B 138 18.51 30.09 -4.77
C TRP B 138 18.61 28.61 -4.40
N MET B 139 19.27 28.32 -3.28
CA MET B 139 19.43 26.94 -2.85
C MET B 139 18.10 26.34 -2.41
N ALA B 140 17.27 27.16 -1.76
CA ALA B 140 15.96 26.71 -1.32
C ALA B 140 15.14 26.30 -2.52
N LYS B 141 15.29 27.05 -3.61
CA LYS B 141 14.57 26.73 -4.84
C LYS B 141 15.00 25.36 -5.37
N GLN B 142 16.29 25.06 -5.27
CA GLN B 142 16.79 23.77 -5.74
C GLN B 142 16.19 22.64 -4.88
N VAL B 143 16.01 22.92 -3.60
CA VAL B 143 15.44 21.91 -2.70
C VAL B 143 13.98 21.63 -3.05
N TYR B 144 13.23 22.67 -3.40
CA TYR B 144 11.83 22.46 -3.78
C TYR B 144 11.78 21.67 -5.08
N LEU B 145 12.75 21.89 -5.96
CA LEU B 145 12.77 21.15 -7.21
C LEU B 145 12.95 19.68 -6.82
N ASN B 146 13.85 19.42 -5.89
CA ASN B 146 14.09 18.06 -5.42
C ASN B 146 12.77 17.47 -4.90
N VAL B 147 12.02 18.26 -4.12
CA VAL B 147 10.74 17.78 -3.59
C VAL B 147 9.79 17.37 -4.71
N GLY B 148 9.72 18.18 -5.76
CA GLY B 148 8.84 17.89 -6.89
C GLY B 148 9.23 16.58 -7.55
N ASN B 149 10.53 16.37 -7.69
CA ASN B 149 11.08 15.15 -8.28
C ASN B 149 10.68 13.98 -7.38
N PHE B 150 10.89 14.15 -6.08
CA PHE B 150 10.59 13.14 -5.08
C PHE B 150 9.13 12.70 -5.05
N LEU B 151 8.20 13.65 -4.99
CA LEU B 151 6.79 13.30 -4.93
C LEU B 151 6.34 12.46 -6.12
N LEU B 152 6.79 12.83 -7.31
CA LEU B 152 6.41 12.07 -8.49
C LEU B 152 7.08 10.70 -8.43
N GLY B 153 8.34 10.68 -8.00
CA GLY B 153 9.08 9.44 -7.89
C GLY B 153 8.44 8.42 -6.96
N VAL B 154 8.15 8.82 -5.73
CA VAL B 154 7.54 7.88 -4.80
C VAL B 154 6.17 7.47 -5.35
N GLY B 155 5.51 8.38 -6.05
CA GLY B 155 4.21 8.05 -6.62
C GLY B 155 4.34 6.93 -7.63
N ALA B 156 5.38 7.02 -8.47
CA ALA B 156 5.63 6.02 -9.50
C ALA B 156 6.06 4.68 -8.89
N MET B 157 6.50 4.71 -7.63
CA MET B 157 6.93 3.49 -6.94
C MET B 157 5.73 2.82 -6.29
N GLY B 158 4.58 3.48 -6.35
CA GLY B 158 3.38 2.94 -5.74
C GLY B 158 3.31 3.29 -4.27
N LEU B 159 4.12 4.26 -3.84
CA LEU B 159 4.14 4.69 -2.44
C LEU B 159 3.34 5.98 -2.25
N ASP B 160 2.77 6.14 -1.06
CA ASP B 160 1.99 7.33 -0.77
C ASP B 160 2.85 8.34 -0.01
N ALA B 161 2.49 9.61 -0.11
CA ALA B 161 3.23 10.64 0.58
C ALA B 161 2.39 11.91 0.66
N VAL B 162 2.92 12.88 1.39
CA VAL B 162 2.28 14.17 1.52
C VAL B 162 3.36 15.21 1.81
N PRO B 163 3.44 16.26 0.99
CA PRO B 163 4.43 17.30 1.21
C PRO B 163 3.85 18.19 2.29
N ILE B 164 4.69 18.67 3.19
CA ILE B 164 4.23 19.51 4.29
C ILE B 164 5.04 20.78 4.52
N GLU B 165 4.34 21.91 4.52
CA GLU B 165 4.94 23.22 4.80
C GLU B 165 4.36 23.65 6.14
N GLY B 166 3.31 22.94 6.56
CA GLY B 166 2.65 23.23 7.80
C GLY B 166 3.40 22.73 9.03
N PHE B 167 4.57 23.30 9.26
CA PHE B 167 5.40 22.93 10.41
C PHE B 167 6.25 24.13 10.81
N ASP B 168 6.76 24.10 12.04
CA ASP B 168 7.61 25.18 12.53
C ASP B 168 9.06 24.78 12.25
N ALA B 169 9.66 25.43 11.26
CA ALA B 169 11.03 25.15 10.87
C ALA B 169 12.02 25.52 11.97
N ALA B 170 11.69 26.56 12.74
CA ALA B 170 12.55 27.00 13.83
C ALA B 170 12.68 25.86 14.83
N ILE B 171 11.54 25.26 15.18
CA ILE B 171 11.51 24.15 16.13
C ILE B 171 12.26 22.94 15.58
N LEU B 172 11.99 22.60 14.32
CA LEU B 172 12.63 21.45 13.68
C LEU B 172 14.14 21.65 13.57
N ASP B 173 14.56 22.86 13.20
CA ASP B 173 15.99 23.17 13.08
C ASP B 173 16.68 22.97 14.43
N GLU B 174 16.06 23.49 15.47
CA GLU B 174 16.60 23.39 16.82
C GLU B 174 16.66 21.94 17.28
N GLU B 175 15.60 21.19 16.98
CA GLU B 175 15.52 19.79 17.36
C GLU B 175 16.65 18.96 16.79
N PHE B 176 17.05 19.25 15.56
CA PHE B 176 18.12 18.49 14.92
C PHE B 176 19.44 19.24 14.77
N GLY B 177 19.57 20.37 15.47
CA GLY B 177 20.78 21.17 15.42
C GLY B 177 21.25 21.44 14.01
N LEU B 178 20.32 21.73 13.13
CA LEU B 178 20.63 21.99 11.73
C LEU B 178 21.43 23.26 11.49
N LYS B 179 21.08 24.33 12.21
CA LYS B 179 21.77 25.61 12.05
C LYS B 179 23.28 25.47 12.20
N GLU B 180 23.71 24.82 13.28
CA GLU B 180 25.14 24.64 13.52
C GLU B 180 25.78 23.79 12.43
N LYS B 181 24.99 22.93 11.80
CA LYS B 181 25.49 22.05 10.74
C LYS B 181 25.46 22.74 9.39
N GLY B 182 24.87 23.92 9.31
CA GLY B 182 24.80 24.67 8.07
C GLY B 182 23.58 24.38 7.21
N PHE B 183 22.48 23.97 7.84
CA PHE B 183 21.26 23.66 7.12
C PHE B 183 20.03 24.24 7.80
N THR B 184 18.91 24.26 7.07
CA THR B 184 17.65 24.72 7.60
C THR B 184 16.56 23.91 6.91
N SER B 185 15.54 23.51 7.68
CA SER B 185 14.45 22.70 7.14
C SER B 185 13.46 23.53 6.34
N LEU B 186 12.97 22.94 5.24
CA LEU B 186 12.02 23.62 4.36
C LEU B 186 10.71 22.88 4.13
N VAL B 187 10.81 21.57 3.85
CA VAL B 187 9.63 20.76 3.59
C VAL B 187 9.78 19.41 4.25
N VAL B 188 8.68 18.90 4.82
CA VAL B 188 8.68 17.60 5.46
C VAL B 188 7.81 16.69 4.60
N VAL B 189 8.32 15.50 4.28
CA VAL B 189 7.56 14.59 3.45
C VAL B 189 7.40 13.19 4.01
N PRO B 190 6.26 12.93 4.68
CA PRO B 190 6.01 11.60 5.24
C PRO B 190 5.73 10.69 4.04
N VAL B 191 6.27 9.47 4.08
CA VAL B 191 6.09 8.52 2.98
C VAL B 191 5.64 7.17 3.53
N GLY B 192 4.71 6.52 2.84
CA GLY B 192 4.23 5.23 3.30
C GLY B 192 3.08 4.72 2.45
N HIS B 193 2.03 4.26 3.12
CA HIS B 193 0.83 3.76 2.45
C HIS B 193 -0.39 4.38 3.10
N HIS B 194 -1.31 4.90 2.30
CA HIS B 194 -2.49 5.54 2.88
C HIS B 194 -3.47 4.52 3.45
N SER B 195 -4.20 4.92 4.49
CA SER B 195 -5.20 4.05 5.09
C SER B 195 -6.52 4.32 4.38
N VAL B 196 -7.48 3.42 4.56
CA VAL B 196 -8.78 3.60 3.93
C VAL B 196 -9.47 4.83 4.50
N GLU B 197 -8.94 5.37 5.60
CA GLU B 197 -9.51 6.56 6.22
C GLU B 197 -8.93 7.85 5.68
N ASP B 198 -8.12 7.75 4.62
CA ASP B 198 -7.52 8.92 3.98
C ASP B 198 -8.62 9.48 3.08
N PHE B 199 -9.32 10.51 3.57
CA PHE B 199 -10.41 11.08 2.77
C PHE B 199 -9.97 11.63 1.43
N ASN B 200 -8.72 12.04 1.33
CA ASN B 200 -8.22 12.61 0.08
C ASN B 200 -7.86 11.59 -0.99
N ALA B 201 -7.82 10.32 -0.62
CA ALA B 201 -7.48 9.27 -1.58
C ALA B 201 -8.56 9.06 -2.63
N THR B 202 -9.79 9.43 -2.32
CA THR B 202 -10.88 9.26 -3.27
C THR B 202 -11.52 10.55 -3.78
N LEU B 203 -11.05 11.69 -3.29
CA LEU B 203 -11.58 12.97 -3.76
C LEU B 203 -10.97 13.28 -5.12
N PRO B 204 -11.77 13.87 -6.03
CA PRO B 204 -11.26 14.19 -7.35
C PRO B 204 -10.12 15.21 -7.25
N LYS B 205 -9.12 15.07 -8.11
CA LYS B 205 -8.00 16.02 -8.11
C LYS B 205 -8.50 17.28 -8.78
N SER B 206 -8.08 18.44 -8.27
CA SER B 206 -8.54 19.70 -8.83
C SER B 206 -7.42 20.65 -9.23
N ARG B 207 -7.50 21.16 -10.46
CA ARG B 207 -6.50 22.09 -10.97
C ARG B 207 -7.21 23.07 -11.90
N LEU B 208 -6.69 24.29 -11.99
CA LEU B 208 -7.25 25.30 -12.86
C LEU B 208 -7.09 24.81 -14.30
N PRO B 209 -7.94 25.28 -15.22
CA PRO B 209 -7.88 24.86 -16.63
C PRO B 209 -6.63 25.31 -17.38
N LEU B 210 -6.25 24.52 -18.38
CA LEU B 210 -5.07 24.82 -19.17
C LEU B 210 -5.21 26.18 -19.86
N SER B 211 -6.44 26.52 -20.23
CA SER B 211 -6.69 27.79 -20.91
C SER B 211 -6.28 28.97 -20.04
N THR B 212 -6.24 28.77 -18.73
CA THR B 212 -5.83 29.84 -17.81
C THR B 212 -4.34 29.80 -17.49
N ILE B 213 -3.79 28.61 -17.23
CA ILE B 213 -2.39 28.51 -16.86
C ILE B 213 -1.36 28.34 -17.98
N VAL B 214 -1.81 28.02 -19.18
CA VAL B 214 -0.89 27.83 -20.30
C VAL B 214 -1.11 28.78 -21.48
N THR B 215 0.00 29.28 -22.02
CA THR B 215 -0.03 30.16 -23.18
C THR B 215 0.81 29.41 -24.23
N GLU B 216 0.23 29.14 -25.39
CA GLU B 216 0.96 28.44 -26.44
C GLU B 216 1.44 29.43 -27.49
N CYS B 217 2.68 29.28 -27.92
CA CYS B 217 3.28 30.16 -28.92
C CYS B 217 4.10 29.36 -29.91
N ASP C 2 -9.17 -39.11 -2.55
CA ASP C 2 -8.82 -39.00 -1.10
C ASP C 2 -8.53 -37.55 -0.75
N ILE C 3 -9.19 -37.04 0.29
CA ILE C 3 -8.99 -35.65 0.69
C ILE C 3 -7.60 -35.40 1.27
N ILE C 4 -7.00 -36.41 1.90
CA ILE C 4 -5.67 -36.23 2.45
C ILE C 4 -4.69 -36.06 1.29
N SER C 5 -4.93 -36.80 0.21
CA SER C 5 -4.07 -36.71 -0.97
C SER C 5 -4.19 -35.29 -1.52
N VAL C 6 -5.40 -34.74 -1.49
CA VAL C 6 -5.63 -33.38 -1.97
C VAL C 6 -4.85 -32.38 -1.12
N ALA C 7 -4.94 -32.55 0.20
CA ALA C 7 -4.23 -31.65 1.11
C ALA C 7 -2.73 -31.70 0.94
N LEU C 8 -2.21 -32.87 0.57
CA LEU C 8 -0.77 -33.02 0.38
C LEU C 8 -0.30 -32.62 -1.01
N LYS C 9 -1.26 -32.47 -1.93
CA LYS C 9 -0.93 -32.09 -3.31
C LYS C 9 -1.18 -30.62 -3.65
N ARG C 10 -2.22 -30.02 -3.07
CA ARG C 10 -2.51 -28.63 -3.36
C ARG C 10 -1.31 -27.75 -3.00
N HIS C 11 -1.17 -26.62 -3.69
CA HIS C 11 -0.06 -25.71 -3.40
C HIS C 11 -0.45 -24.29 -3.80
N SER C 12 0.25 -23.31 -3.23
CA SER C 12 -0.01 -21.92 -3.57
C SER C 12 0.59 -21.66 -4.94
N THR C 13 -0.30 -21.46 -5.92
CA THR C 13 0.11 -21.21 -7.30
C THR C 13 0.74 -19.83 -7.47
N LYS C 14 1.90 -19.80 -8.12
CA LYS C 14 2.63 -18.55 -8.32
C LYS C 14 2.50 -18.00 -9.74
N ALA C 15 1.91 -18.79 -10.64
CA ALA C 15 1.71 -18.37 -12.01
C ALA C 15 0.54 -19.14 -12.61
N PHE C 16 -0.40 -18.43 -13.22
CA PHE C 16 -1.57 -19.04 -13.83
C PHE C 16 -1.55 -19.00 -15.35
N ASP C 17 -2.26 -19.95 -15.93
CA ASP C 17 -2.39 -20.06 -17.39
C ASP C 17 -3.58 -19.18 -17.76
N ALA C 18 -3.30 -18.04 -18.38
CA ALA C 18 -4.36 -17.11 -18.76
C ALA C 18 -5.29 -17.65 -19.84
N SER C 19 -4.91 -18.74 -20.48
CA SER C 19 -5.73 -19.31 -21.55
C SER C 19 -6.68 -20.41 -21.07
N LYS C 20 -6.57 -20.80 -19.80
CA LYS C 20 -7.42 -21.84 -19.26
C LYS C 20 -8.43 -21.29 -18.25
N LYS C 21 -9.66 -21.08 -18.71
CA LYS C 21 -10.72 -20.55 -17.88
C LYS C 21 -11.50 -21.68 -17.25
N LEU C 22 -12.23 -21.38 -16.19
CA LEU C 22 -13.05 -22.38 -15.52
C LEU C 22 -14.26 -22.63 -16.40
N THR C 23 -14.84 -23.82 -16.30
CA THR C 23 -16.02 -24.12 -17.08
C THR C 23 -17.17 -23.39 -16.39
N ALA C 24 -18.33 -23.35 -17.03
CA ALA C 24 -19.49 -22.67 -16.44
C ALA C 24 -19.85 -23.39 -15.16
N GLU C 25 -19.81 -24.72 -15.20
CA GLU C 25 -20.14 -25.54 -14.04
C GLU C 25 -19.17 -25.30 -12.89
N GLU C 26 -17.89 -25.21 -13.22
CA GLU C 26 -16.88 -24.97 -12.19
C GLU C 26 -17.09 -23.61 -11.54
N ALA C 27 -17.44 -22.62 -12.35
CA ALA C 27 -17.67 -21.28 -11.83
C ALA C 27 -18.85 -21.28 -10.86
N GLU C 28 -19.86 -22.09 -11.14
CA GLU C 28 -21.01 -22.18 -10.26
C GLU C 28 -20.65 -22.88 -8.96
N LYS C 29 -19.82 -23.91 -9.07
CA LYS C 29 -19.40 -24.67 -7.89
C LYS C 29 -18.54 -23.88 -6.91
N ILE C 30 -17.63 -23.04 -7.40
CA ILE C 30 -16.81 -22.27 -6.48
C ILE C 30 -17.69 -21.27 -5.72
N LYS C 31 -18.75 -20.77 -6.36
CA LYS C 31 -19.64 -19.84 -5.68
C LYS C 31 -20.37 -20.60 -4.58
N THR C 32 -20.69 -21.86 -4.86
CA THR C 32 -21.38 -22.71 -3.88
C THR C 32 -20.48 -22.86 -2.64
N LEU C 33 -19.18 -23.08 -2.87
CA LEU C 33 -18.23 -23.23 -1.77
C LEU C 33 -18.16 -21.98 -0.89
N LEU C 34 -18.16 -20.82 -1.54
CA LEU C 34 -18.10 -19.56 -0.82
C LEU C 34 -19.35 -19.38 0.03
N GLN C 35 -20.49 -19.65 -0.58
CA GLN C 35 -21.78 -19.50 0.07
C GLN C 35 -22.07 -20.44 1.23
N TYR C 36 -21.72 -21.71 1.08
CA TYR C 36 -22.01 -22.69 2.12
C TYR C 36 -21.00 -22.97 3.21
N SER C 37 -19.97 -22.15 3.30
CA SER C 37 -18.98 -22.31 4.35
C SER C 37 -19.68 -22.05 5.67
N PRO C 38 -19.26 -22.75 6.74
CA PRO C 38 -19.92 -22.49 8.02
C PRO C 38 -19.37 -21.19 8.59
N SER C 39 -20.00 -20.70 9.65
CA SER C 39 -19.57 -19.47 10.32
C SER C 39 -20.25 -19.44 11.69
N SER C 40 -19.63 -18.74 12.63
CA SER C 40 -20.19 -18.66 13.99
C SER C 40 -21.62 -18.13 13.95
N THR C 41 -22.55 -18.88 14.55
CA THR C 41 -23.99 -18.56 14.60
C THR C 41 -24.59 -18.43 13.20
N ASN C 42 -23.87 -18.92 12.20
CA ASN C 42 -24.27 -18.84 10.79
C ASN C 42 -24.41 -17.36 10.44
N SER C 43 -23.54 -16.54 11.03
CA SER C 43 -23.55 -15.11 10.82
C SER C 43 -23.22 -14.68 9.39
N GLN C 44 -22.51 -15.53 8.64
CA GLN C 44 -22.14 -15.24 7.26
C GLN C 44 -21.84 -13.74 7.09
N PRO C 45 -20.91 -13.20 7.89
CA PRO C 45 -20.51 -11.79 7.86
C PRO C 45 -19.57 -11.48 6.71
N TRP C 46 -19.97 -11.87 5.51
CA TRP C 46 -19.11 -11.71 4.35
C TRP C 46 -19.76 -11.30 3.05
N HIS C 47 -18.91 -10.96 2.09
CA HIS C 47 -19.32 -10.62 0.73
C HIS C 47 -18.14 -11.03 -0.13
N PHE C 48 -18.42 -11.47 -1.35
CA PHE C 48 -17.35 -11.89 -2.24
C PHE C 48 -17.45 -11.21 -3.59
N ILE C 49 -16.30 -10.76 -4.09
CA ILE C 49 -16.23 -10.17 -5.42
C ILE C 49 -15.59 -11.27 -6.24
N VAL C 50 -16.28 -11.73 -7.28
CA VAL C 50 -15.71 -12.79 -8.12
C VAL C 50 -15.48 -12.17 -9.49
N ALA C 51 -14.24 -11.77 -9.73
CA ALA C 51 -13.85 -11.15 -10.99
C ALA C 51 -13.35 -12.22 -11.95
N SER C 52 -14.00 -12.33 -13.12
CA SER C 52 -13.61 -13.31 -14.11
C SER C 52 -13.30 -12.68 -15.47
N THR C 53 -13.63 -11.40 -15.63
CA THR C 53 -13.36 -10.70 -16.88
C THR C 53 -11.99 -10.05 -16.84
N GLU C 54 -11.50 -9.64 -18.00
CA GLU C 54 -10.19 -8.99 -18.10
C GLU C 54 -10.20 -7.67 -17.34
N GLU C 55 -11.26 -6.90 -17.52
CA GLU C 55 -11.36 -5.61 -16.84
C GLU C 55 -11.62 -5.76 -15.35
N GLY C 56 -12.34 -6.82 -14.97
CA GLY C 56 -12.63 -7.05 -13.57
C GLY C 56 -11.38 -7.43 -12.81
N LYS C 57 -10.59 -8.33 -13.39
CA LYS C 57 -9.36 -8.76 -12.74
C LYS C 57 -8.34 -7.63 -12.77
N ALA C 58 -8.40 -6.80 -13.80
CA ALA C 58 -7.50 -5.66 -13.91
C ALA C 58 -7.78 -4.73 -12.73
N ARG C 59 -9.06 -4.59 -12.37
CA ARG C 59 -9.44 -3.71 -11.25
C ARG C 59 -8.92 -4.25 -9.93
N VAL C 60 -9.09 -5.55 -9.69
CA VAL C 60 -8.61 -6.16 -8.47
C VAL C 60 -7.08 -6.04 -8.43
N ALA C 61 -6.47 -6.23 -9.59
CA ALA C 61 -5.01 -6.17 -9.72
C ALA C 61 -4.43 -4.80 -9.32
N LYS C 62 -5.27 -3.78 -9.28
CA LYS C 62 -4.79 -2.45 -8.88
C LYS C 62 -4.26 -2.50 -7.45
N SER C 63 -4.76 -3.44 -6.66
CA SER C 63 -4.31 -3.57 -5.27
C SER C 63 -2.94 -4.23 -5.15
N ALA C 64 -2.46 -4.80 -6.25
CA ALA C 64 -1.16 -5.46 -6.22
C ALA C 64 -0.08 -4.64 -6.93
N ALA C 65 -0.33 -3.34 -7.06
CA ALA C 65 0.65 -2.47 -7.70
C ALA C 65 1.68 -2.07 -6.66
N GLY C 66 2.77 -1.45 -7.11
CA GLY C 66 3.80 -1.01 -6.20
C GLY C 66 4.47 -2.08 -5.35
N THR C 67 4.34 -1.93 -4.04
CA THR C 67 4.95 -2.86 -3.09
C THR C 67 4.57 -4.33 -3.29
N TYR C 68 3.34 -4.56 -3.74
CA TYR C 68 2.85 -5.92 -3.92
C TYR C 68 2.85 -6.42 -5.35
N VAL C 69 3.65 -5.78 -6.19
CA VAL C 69 3.72 -6.15 -7.60
C VAL C 69 4.03 -7.63 -7.81
N PHE C 70 4.73 -8.25 -6.86
CA PHE C 70 5.07 -9.67 -6.99
C PHE C 70 3.83 -10.57 -7.00
N ASN C 71 2.66 -9.99 -6.67
CA ASN C 71 1.40 -10.73 -6.67
C ASN C 71 0.48 -10.29 -7.82
N GLU C 72 0.90 -9.29 -8.58
CA GLU C 72 0.06 -8.77 -9.66
C GLU C 72 -0.38 -9.76 -10.74
N ARG C 73 0.55 -10.48 -11.34
CA ARG C 73 0.18 -11.43 -12.39
C ARG C 73 -0.68 -12.59 -11.90
N LYS C 74 -0.58 -12.91 -10.61
CA LYS C 74 -1.41 -13.98 -10.04
C LYS C 74 -2.87 -13.56 -10.23
N MET C 75 -3.13 -12.27 -10.04
CA MET C 75 -4.47 -11.73 -10.14
C MET C 75 -4.93 -11.52 -11.57
N LEU C 76 -4.00 -11.12 -12.43
CA LEU C 76 -4.34 -10.87 -13.82
C LEU C 76 -4.59 -12.12 -14.64
N ASP C 77 -3.69 -13.09 -14.55
CA ASP C 77 -3.77 -14.31 -15.35
C ASP C 77 -4.70 -15.44 -14.91
N ALA C 78 -5.08 -15.46 -13.63
CA ALA C 78 -5.97 -16.51 -13.16
C ALA C 78 -7.32 -16.35 -13.86
N SER C 79 -8.09 -17.43 -13.89
CA SER C 79 -9.41 -17.45 -14.53
C SER C 79 -10.42 -16.60 -13.75
N HIS C 80 -10.59 -16.95 -12.47
CA HIS C 80 -11.51 -16.25 -11.59
C HIS C 80 -10.76 -15.80 -10.34
N VAL C 81 -10.95 -14.54 -9.95
CA VAL C 81 -10.29 -14.02 -8.76
C VAL C 81 -11.33 -13.65 -7.73
N VAL C 82 -11.25 -14.29 -6.56
CA VAL C 82 -12.22 -14.04 -5.49
C VAL C 82 -11.66 -13.13 -4.42
N VAL C 83 -12.36 -12.04 -4.14
CA VAL C 83 -11.93 -11.14 -3.09
C VAL C 83 -12.84 -11.43 -1.90
N PHE C 84 -12.25 -11.98 -0.84
CA PHE C 84 -13.01 -12.29 0.37
C PHE C 84 -13.10 -11.03 1.21
N CYS C 85 -14.33 -10.59 1.49
CA CYS C 85 -14.54 -9.37 2.28
C CYS C 85 -15.35 -9.66 3.54
N ALA C 86 -15.06 -8.93 4.61
CA ALA C 86 -15.79 -9.08 5.85
C ALA C 86 -16.61 -7.81 6.06
N LYS C 87 -17.71 -7.93 6.78
CA LYS C 87 -18.53 -6.76 7.11
C LYS C 87 -17.64 -5.97 8.06
N THR C 88 -17.80 -4.65 8.11
CA THR C 88 -16.98 -3.82 8.99
C THR C 88 -17.59 -3.69 10.40
N ALA C 89 -18.86 -4.02 10.51
CA ALA C 89 -19.56 -3.98 11.80
C ALA C 89 -20.77 -4.92 11.68
N MET C 90 -21.16 -5.54 12.79
CA MET C 90 -22.30 -6.44 12.75
C MET C 90 -23.57 -5.69 13.14
N ASP C 91 -24.38 -5.40 12.14
CA ASP C 91 -25.63 -4.67 12.35
C ASP C 91 -26.80 -5.62 12.59
N ASP C 92 -27.81 -5.11 13.31
CA ASP C 92 -29.00 -5.91 13.61
C ASP C 92 -29.69 -6.40 12.34
N ALA C 93 -29.75 -5.55 11.33
CA ALA C 93 -30.42 -5.91 10.08
C ALA C 93 -29.87 -7.20 9.49
N TRP C 94 -28.55 -7.37 9.53
CA TRP C 94 -27.93 -8.57 8.99
C TRP C 94 -28.32 -9.79 9.83
N LEU C 95 -28.26 -9.67 11.15
CA LEU C 95 -28.62 -10.77 12.03
C LEU C 95 -30.07 -11.18 11.77
N GLU C 96 -30.92 -10.20 11.49
CA GLU C 96 -32.33 -10.49 11.21
C GLU C 96 -32.45 -11.25 9.90
N ARG C 97 -31.64 -10.88 8.91
CA ARG C 97 -31.69 -11.58 7.62
C ARG C 97 -31.29 -13.04 7.78
N VAL C 98 -30.29 -13.29 8.61
CA VAL C 98 -29.83 -14.66 8.81
C VAL C 98 -30.93 -15.55 9.39
N VAL C 99 -31.55 -15.10 10.47
CA VAL C 99 -32.60 -15.91 11.09
C VAL C 99 -33.85 -16.00 10.22
N ASP C 100 -34.17 -14.93 9.48
CA ASP C 100 -35.34 -14.99 8.60
C ASP C 100 -35.08 -15.99 7.47
N GLN C 101 -33.83 -16.05 7.01
CA GLN C 101 -33.48 -16.99 5.95
C GLN C 101 -33.55 -18.41 6.49
N GLU C 102 -33.09 -18.61 7.73
CA GLU C 102 -33.16 -19.95 8.32
C GLU C 102 -34.61 -20.38 8.42
N GLU C 103 -35.51 -19.46 8.77
CA GLU C 103 -36.92 -19.78 8.86
C GLU C 103 -37.45 -20.15 7.48
N ALA C 104 -37.07 -19.35 6.48
CA ALA C 104 -37.51 -19.60 5.11
C ALA C 104 -37.05 -20.98 4.62
N ASP C 105 -35.88 -21.41 5.09
CA ASP C 105 -35.33 -22.69 4.69
C ASP C 105 -35.85 -23.87 5.52
N GLY C 106 -36.80 -23.59 6.43
CA GLY C 106 -37.40 -24.64 7.23
C GLY C 106 -36.60 -25.19 8.41
N ARG C 107 -35.73 -24.38 9.00
CA ARG C 107 -34.93 -24.84 10.13
C ARG C 107 -35.62 -24.73 11.48
N PHE C 108 -36.79 -24.10 11.52
CA PHE C 108 -37.54 -23.93 12.76
C PHE C 108 -38.90 -24.61 12.68
N ASN C 109 -39.27 -25.36 13.72
CA ASN C 109 -40.55 -26.03 13.73
C ASN C 109 -41.63 -25.24 14.46
N THR C 110 -41.22 -24.20 15.18
CA THR C 110 -42.17 -23.36 15.90
C THR C 110 -41.67 -21.93 15.93
N PRO C 111 -42.57 -20.96 16.19
CA PRO C 111 -42.15 -19.57 16.23
C PRO C 111 -41.18 -19.39 17.40
N GLU C 112 -41.44 -20.14 18.47
CA GLU C 112 -40.60 -20.09 19.66
C GLU C 112 -39.17 -20.51 19.34
N ALA C 113 -39.03 -21.50 18.46
CA ALA C 113 -37.71 -21.99 18.07
C ALA C 113 -36.97 -20.89 17.35
N LYS C 114 -37.67 -20.16 16.48
CA LYS C 114 -37.03 -19.07 15.75
C LYS C 114 -36.59 -17.97 16.71
N ALA C 115 -37.47 -17.61 17.64
CA ALA C 115 -37.16 -16.58 18.61
C ALA C 115 -35.92 -16.93 19.45
N ALA C 116 -35.83 -18.20 19.87
CA ALA C 116 -34.69 -18.65 20.67
C ALA C 116 -33.39 -18.57 19.88
N ASN C 117 -33.46 -18.89 18.59
CA ASN C 117 -32.30 -18.86 17.73
C ASN C 117 -31.84 -17.41 17.55
N HIS C 118 -32.81 -16.52 17.37
CA HIS C 118 -32.53 -15.10 17.20
C HIS C 118 -31.94 -14.53 18.48
N LYS C 119 -32.52 -14.90 19.61
CA LYS C 119 -32.05 -14.41 20.91
C LYS C 119 -30.62 -14.86 21.18
N GLY C 120 -30.35 -16.13 20.89
CA GLY C 120 -29.02 -16.67 21.11
C GLY C 120 -27.98 -16.01 20.23
N ARG C 121 -28.31 -15.78 18.95
CA ARG C 121 -27.37 -15.14 18.04
C ARG C 121 -27.07 -13.72 18.49
N THR C 122 -28.10 -13.01 18.93
CA THR C 122 -27.92 -11.65 19.38
C THR C 122 -27.04 -11.60 20.63
N TYR C 123 -27.20 -12.60 21.50
CA TYR C 123 -26.42 -12.65 22.73
C TYR C 123 -24.93 -12.75 22.44
N PHE C 124 -24.55 -13.64 21.54
CA PHE C 124 -23.14 -13.79 21.20
C PHE C 124 -22.65 -12.65 20.34
N ALA C 125 -23.52 -12.11 19.50
CA ALA C 125 -23.13 -10.98 18.67
C ALA C 125 -22.82 -9.81 19.60
N ASP C 126 -23.65 -9.63 20.62
CA ASP C 126 -23.45 -8.53 21.59
C ASP C 126 -22.20 -8.72 22.42
N MET C 127 -21.84 -9.96 22.68
CA MET C 127 -20.64 -10.23 23.45
C MET C 127 -19.47 -9.57 22.71
N HIS C 128 -19.52 -9.63 21.37
CA HIS C 128 -18.46 -9.04 20.55
C HIS C 128 -18.67 -7.55 20.27
N ARG C 129 -19.90 -7.18 19.95
CA ARG C 129 -20.24 -5.78 19.64
C ARG C 129 -20.18 -4.83 20.82
N VAL C 130 -20.55 -5.33 22.00
CA VAL C 130 -20.60 -4.49 23.18
C VAL C 130 -19.50 -4.75 24.21
N ASP C 131 -19.52 -5.95 24.81
CA ASP C 131 -18.54 -6.29 25.83
C ASP C 131 -17.08 -6.30 25.40
N LEU C 132 -16.78 -6.95 24.28
CA LEU C 132 -15.40 -7.04 23.81
C LEU C 132 -15.03 -5.98 22.78
N LYS C 133 -16.02 -5.41 22.11
CA LYS C 133 -15.77 -4.40 21.10
C LYS C 133 -14.77 -4.95 20.08
N ASP C 134 -15.01 -6.18 19.64
CA ASP C 134 -14.13 -6.81 18.66
C ASP C 134 -14.91 -7.52 17.56
N ASP C 135 -16.13 -7.08 17.29
CA ASP C 135 -16.93 -7.74 16.25
C ASP C 135 -16.27 -7.68 14.87
N ASP C 136 -15.43 -6.66 14.64
CA ASP C 136 -14.75 -6.58 13.35
C ASP C 136 -13.79 -7.74 13.21
N GLN C 137 -13.06 -8.04 14.28
CA GLN C 137 -12.11 -9.15 14.27
C GLN C 137 -12.84 -10.49 14.25
N TRP C 138 -13.93 -10.57 15.01
CA TRP C 138 -14.73 -11.81 15.08
C TRP C 138 -15.24 -12.18 13.69
N MET C 139 -15.71 -11.18 12.94
CA MET C 139 -16.22 -11.44 11.60
C MET C 139 -15.11 -11.78 10.62
N ALA C 140 -13.97 -11.10 10.77
CA ALA C 140 -12.82 -11.34 9.89
C ALA C 140 -12.36 -12.79 10.06
N LYS C 141 -12.43 -13.29 11.29
CA LYS C 141 -12.01 -14.67 11.52
C LYS C 141 -12.94 -15.65 10.80
N GLN C 142 -14.22 -15.32 10.71
CA GLN C 142 -15.18 -16.20 10.03
C GLN C 142 -14.84 -16.20 8.55
N VAL C 143 -14.37 -15.06 8.05
CA VAL C 143 -14.02 -14.95 6.64
C VAL C 143 -12.77 -15.77 6.36
N TYR C 144 -11.81 -15.77 7.29
CA TYR C 144 -10.60 -16.57 7.10
C TYR C 144 -10.97 -18.05 7.11
N LEU C 145 -11.94 -18.41 7.94
CA LEU C 145 -12.37 -19.80 8.02
C LEU C 145 -12.93 -20.18 6.64
N ASN C 146 -13.66 -19.24 6.03
CA ASN C 146 -14.24 -19.47 4.71
C ASN C 146 -13.11 -19.71 3.71
N VAL C 147 -12.05 -18.90 3.80
CA VAL C 147 -10.90 -19.06 2.91
C VAL C 147 -10.31 -20.46 3.05
N GLY C 148 -10.21 -20.94 4.27
CA GLY C 148 -9.63 -22.27 4.50
C GLY C 148 -10.47 -23.35 3.83
N ASN C 149 -11.79 -23.22 3.99
CA ASN C 149 -12.75 -24.15 3.40
C ASN C 149 -12.58 -24.10 1.88
N PHE C 150 -12.52 -22.89 1.34
CA PHE C 150 -12.39 -22.64 -0.09
C PHE C 150 -11.15 -23.24 -0.74
N LEU C 151 -9.98 -22.98 -0.15
CA LEU C 151 -8.74 -23.50 -0.74
C LEU C 151 -8.74 -25.03 -0.86
N LEU C 152 -9.23 -25.72 0.16
CA LEU C 152 -9.26 -27.17 0.09
C LEU C 152 -10.31 -27.60 -0.93
N GLY C 153 -11.45 -26.91 -0.92
CA GLY C 153 -12.52 -27.23 -1.84
C GLY C 153 -12.11 -27.13 -3.30
N VAL C 154 -11.52 -25.99 -3.69
CA VAL C 154 -11.10 -25.82 -5.08
C VAL C 154 -10.02 -26.86 -5.41
N GLY C 155 -9.19 -27.19 -4.42
CA GLY C 155 -8.15 -28.17 -4.66
C GLY C 155 -8.76 -29.53 -4.97
N ALA C 156 -9.82 -29.87 -4.25
CA ALA C 156 -10.51 -31.15 -4.46
C ALA C 156 -11.19 -31.16 -5.82
N MET C 157 -11.51 -29.97 -6.33
CA MET C 157 -12.15 -29.83 -7.64
C MET C 157 -11.13 -29.97 -8.76
N GLY C 158 -9.84 -30.03 -8.39
CA GLY C 158 -8.79 -30.15 -9.37
C GLY C 158 -8.36 -28.81 -9.91
N LEU C 159 -8.69 -27.75 -9.19
CA LEU C 159 -8.33 -26.39 -9.59
C LEU C 159 -7.17 -25.89 -8.76
N ASP C 160 -6.44 -24.93 -9.30
CA ASP C 160 -5.31 -24.33 -8.60
C ASP C 160 -5.75 -22.99 -8.05
N ALA C 161 -5.10 -22.56 -6.98
CA ALA C 161 -5.44 -21.28 -6.38
C ALA C 161 -4.28 -20.84 -5.52
N VAL C 162 -4.38 -19.62 -5.03
CA VAL C 162 -3.36 -19.09 -4.13
C VAL C 162 -4.00 -18.01 -3.28
N PRO C 163 -3.86 -18.12 -1.95
CA PRO C 163 -4.45 -17.11 -1.05
C PRO C 163 -3.46 -15.95 -1.01
N ILE C 164 -3.98 -14.73 -1.01
CA ILE C 164 -3.14 -13.54 -1.02
C ILE C 164 -3.48 -12.51 0.05
N GLU C 165 -2.49 -12.17 0.86
CA GLU C 165 -2.62 -11.14 1.90
C GLU C 165 -1.74 -9.98 1.43
N GLY C 166 -0.86 -10.28 0.48
CA GLY C 166 0.03 -9.27 -0.07
C GLY C 166 -0.61 -8.36 -1.09
N PHE C 167 -1.53 -7.53 -0.65
CA PHE C 167 -2.21 -6.57 -1.51
C PHE C 167 -2.65 -5.38 -0.66
N ASP C 168 -2.97 -4.27 -1.33
CA ASP C 168 -3.38 -3.05 -0.63
C ASP C 168 -4.90 -3.04 -0.48
N ALA C 169 -5.38 -3.36 0.72
CA ALA C 169 -6.81 -3.41 0.98
C ALA C 169 -7.48 -2.04 0.90
N ALA C 170 -6.70 -0.99 1.12
CA ALA C 170 -7.24 0.37 1.05
C ALA C 170 -7.57 0.64 -0.41
N ILE C 171 -6.63 0.32 -1.29
CA ILE C 171 -6.84 0.52 -2.72
C ILE C 171 -7.96 -0.37 -3.22
N LEU C 172 -7.97 -1.63 -2.80
CA LEU C 172 -9.02 -2.53 -3.25
C LEU C 172 -10.39 -2.09 -2.75
N ASP C 173 -10.49 -1.67 -1.49
CA ASP C 173 -11.76 -1.21 -0.96
C ASP C 173 -12.25 0.01 -1.73
N GLU C 174 -11.34 0.93 -2.00
CA GLU C 174 -11.68 2.14 -2.73
C GLU C 174 -12.10 1.84 -4.16
N GLU C 175 -11.42 0.89 -4.79
CA GLU C 175 -11.73 0.53 -6.18
C GLU C 175 -13.13 -0.04 -6.34
N PHE C 176 -13.59 -0.80 -5.34
CA PHE C 176 -14.91 -1.41 -5.41
C PHE C 176 -15.96 -0.75 -4.51
N GLY C 177 -15.63 0.43 -4.00
CA GLY C 177 -16.54 1.16 -3.13
C GLY C 177 -17.08 0.33 -1.97
N LEU C 178 -16.22 -0.48 -1.39
CA LEU C 178 -16.62 -1.35 -0.28
C LEU C 178 -16.93 -0.65 1.03
N LYS C 179 -16.21 0.43 1.34
CA LYS C 179 -16.42 1.14 2.58
C LYS C 179 -17.86 1.60 2.76
N GLU C 180 -18.41 2.24 1.72
CA GLU C 180 -19.78 2.72 1.76
C GLU C 180 -20.75 1.55 1.86
N LYS C 181 -20.36 0.41 1.31
CA LYS C 181 -21.20 -0.79 1.33
C LYS C 181 -21.13 -1.56 2.64
N GLY C 182 -20.19 -1.17 3.50
CA GLY C 182 -20.05 -1.84 4.79
C GLY C 182 -19.16 -3.07 4.76
N PHE C 183 -18.18 -3.09 3.87
CA PHE C 183 -17.27 -4.22 3.76
C PHE C 183 -15.82 -3.79 3.61
N THR C 184 -14.91 -4.74 3.85
CA THR C 184 -13.49 -4.47 3.69
C THR C 184 -12.83 -5.77 3.22
N SER C 185 -11.89 -5.66 2.29
CA SER C 185 -11.21 -6.83 1.74
C SER C 185 -10.13 -7.38 2.67
N LEU C 186 -10.12 -8.70 2.81
CA LEU C 186 -9.15 -9.38 3.68
C LEU C 186 -8.17 -10.28 2.94
N VAL C 187 -8.70 -11.10 2.03
CA VAL C 187 -7.86 -12.02 1.28
C VAL C 187 -8.32 -12.12 -0.17
N VAL C 188 -7.37 -12.13 -1.09
CA VAL C 188 -7.68 -12.25 -2.51
C VAL C 188 -7.27 -13.66 -2.91
N VAL C 189 -8.13 -14.37 -3.61
CA VAL C 189 -7.80 -15.74 -4.01
C VAL C 189 -8.01 -16.01 -5.49
N PRO C 190 -6.92 -15.94 -6.27
CA PRO C 190 -7.02 -16.21 -7.71
C PRO C 190 -7.23 -17.71 -7.88
N VAL C 191 -8.14 -18.10 -8.77
CA VAL C 191 -8.44 -19.50 -9.01
C VAL C 191 -8.34 -19.81 -10.51
N GLY C 192 -7.80 -20.97 -10.83
CA GLY C 192 -7.67 -21.36 -12.23
C GLY C 192 -6.81 -22.59 -12.38
N HIS C 193 -5.87 -22.52 -13.32
CA HIS C 193 -4.95 -23.62 -13.59
C HIS C 193 -3.55 -23.02 -13.62
N HIS C 194 -2.61 -23.63 -12.89
CA HIS C 194 -1.26 -23.10 -12.86
C HIS C 194 -0.61 -23.24 -14.23
N SER C 195 0.32 -22.35 -14.53
CA SER C 195 1.01 -22.38 -15.81
C SER C 195 2.34 -23.10 -15.65
N VAL C 196 3.01 -23.34 -16.76
CA VAL C 196 4.29 -24.03 -16.73
C VAL C 196 5.39 -23.17 -16.11
N GLU C 197 5.06 -21.92 -15.79
CA GLU C 197 6.04 -21.02 -15.19
C GLU C 197 5.85 -20.91 -13.68
N ASP C 198 4.95 -21.71 -13.14
CA ASP C 198 4.68 -21.73 -11.70
C ASP C 198 5.85 -22.39 -10.98
N PHE C 199 6.74 -21.57 -10.41
CA PHE C 199 7.92 -22.09 -9.72
C PHE C 199 7.64 -22.79 -8.39
N ASN C 200 6.38 -22.85 -7.98
CA ASN C 200 6.05 -23.50 -6.71
C ASN C 200 5.35 -24.84 -6.94
N ALA C 201 5.00 -25.14 -8.18
CA ALA C 201 4.30 -26.37 -8.51
C ALA C 201 5.14 -27.63 -8.30
N THR C 202 6.46 -27.53 -8.44
CA THR C 202 7.32 -28.69 -8.28
C THR C 202 8.03 -28.81 -6.94
N LEU C 203 8.02 -27.75 -6.14
CA LEU C 203 8.69 -27.79 -4.84
C LEU C 203 7.92 -28.60 -3.81
N PRO C 204 8.65 -29.32 -2.94
CA PRO C 204 7.98 -30.12 -1.92
C PRO C 204 7.29 -29.23 -0.89
N LYS C 205 6.22 -29.74 -0.28
CA LYS C 205 5.49 -28.99 0.73
C LYS C 205 6.28 -29.08 2.02
N SER C 206 6.24 -28.03 2.83
CA SER C 206 6.98 -28.02 4.08
C SER C 206 6.14 -27.58 5.26
N ARG C 207 6.15 -28.38 6.32
CA ARG C 207 5.41 -28.06 7.54
C ARG C 207 6.25 -28.52 8.72
N LEU C 208 6.03 -27.90 9.87
CA LEU C 208 6.74 -28.28 11.08
C LEU C 208 6.21 -29.66 11.49
N PRO C 209 7.04 -30.47 12.16
CA PRO C 209 6.64 -31.81 12.60
C PRO C 209 5.50 -31.88 13.61
N LEU C 210 4.75 -32.98 13.56
CA LEU C 210 3.62 -33.19 14.46
C LEU C 210 4.05 -33.20 15.93
N SER C 211 5.28 -33.63 16.19
CA SER C 211 5.76 -33.67 17.56
C SER C 211 5.81 -32.26 18.15
N THR C 212 5.92 -31.26 17.29
CA THR C 212 5.95 -29.88 17.76
C THR C 212 4.57 -29.23 17.84
N ILE C 213 3.78 -29.40 16.78
CA ILE C 213 2.47 -28.76 16.72
C ILE C 213 1.27 -29.47 17.36
N VAL C 214 1.41 -30.75 17.68
CA VAL C 214 0.29 -31.50 18.27
C VAL C 214 0.58 -32.11 19.63
N THR C 215 -0.36 -31.92 20.56
CA THR C 215 -0.29 -32.48 21.90
C THR C 215 -1.47 -33.45 22.00
N GLU C 216 -1.20 -34.71 22.32
CA GLU C 216 -2.27 -35.69 22.44
C GLU C 216 -2.63 -35.95 23.89
N CYS C 217 -3.92 -35.96 24.18
CA CYS C 217 -4.43 -36.19 25.52
C CYS C 217 -5.67 -37.09 25.48
N ASP D 2 -18.13 -36.18 -4.69
CA ASP D 2 -17.99 -34.75 -5.11
C ASP D 2 -17.75 -33.89 -3.87
N ILE D 3 -16.76 -33.00 -3.93
CA ILE D 3 -16.49 -32.16 -2.78
C ILE D 3 -17.65 -31.19 -2.54
N ILE D 4 -18.36 -30.83 -3.60
CA ILE D 4 -19.50 -29.92 -3.47
C ILE D 4 -20.63 -30.66 -2.75
N SER D 5 -20.73 -31.96 -2.98
CA SER D 5 -21.75 -32.76 -2.32
C SER D 5 -21.42 -32.76 -0.83
N VAL D 6 -20.13 -32.82 -0.53
CA VAL D 6 -19.67 -32.81 0.86
C VAL D 6 -19.96 -31.43 1.48
N ALA D 7 -19.65 -30.37 0.74
CA ALA D 7 -19.89 -29.01 1.25
C ALA D 7 -21.37 -28.81 1.55
N LEU D 8 -22.23 -29.44 0.76
CA LEU D 8 -23.66 -29.31 0.95
C LEU D 8 -24.24 -30.30 1.96
N LYS D 9 -23.46 -31.32 2.31
CA LYS D 9 -23.95 -32.32 3.25
C LYS D 9 -23.39 -32.21 4.66
N ARG D 10 -22.14 -31.77 4.78
CA ARG D 10 -21.54 -31.63 6.11
C ARG D 10 -22.39 -30.69 6.94
N HIS D 11 -22.36 -30.86 8.26
CA HIS D 11 -23.14 -30.01 9.14
C HIS D 11 -22.54 -29.95 10.54
N SER D 12 -22.98 -28.98 11.33
CA SER D 12 -22.51 -28.85 12.69
C SER D 12 -23.26 -29.87 13.55
N THR D 13 -22.54 -30.90 13.95
CA THR D 13 -23.07 -31.98 14.77
C THR D 13 -23.44 -31.50 16.17
N LYS D 14 -24.68 -31.77 16.57
CA LYS D 14 -25.19 -31.35 17.87
C LYS D 14 -25.12 -32.46 18.91
N ALA D 15 -24.85 -33.68 18.46
CA ALA D 15 -24.75 -34.81 19.38
C ALA D 15 -23.94 -35.92 18.73
N PHE D 16 -23.00 -36.48 19.48
CA PHE D 16 -22.14 -37.55 18.97
C PHE D 16 -22.42 -38.91 19.60
N ASP D 17 -22.16 -39.96 18.82
CA ASP D 17 -22.33 -41.32 19.29
C ASP D 17 -21.00 -41.65 19.98
N ALA D 18 -21.02 -41.68 21.31
CA ALA D 18 -19.81 -41.94 22.09
C ALA D 18 -19.19 -43.31 21.88
N SER D 19 -19.90 -44.21 21.20
CA SER D 19 -19.39 -45.56 20.95
C SER D 19 -18.63 -45.68 19.63
N LYS D 20 -18.81 -44.71 18.75
CA LYS D 20 -18.15 -44.74 17.44
C LYS D 20 -16.84 -43.95 17.45
N LYS D 21 -15.75 -44.62 17.74
CA LYS D 21 -14.43 -44.00 17.79
C LYS D 21 -13.75 -43.97 16.42
N LEU D 22 -12.80 -43.07 16.24
CA LEU D 22 -12.08 -42.98 14.99
C LEU D 22 -11.08 -44.13 14.95
N THR D 23 -10.74 -44.57 13.75
CA THR D 23 -9.78 -45.65 13.61
C THR D 23 -8.41 -45.02 13.81
N ALA D 24 -7.39 -45.85 14.02
CA ALA D 24 -6.05 -45.36 14.22
C ALA D 24 -5.62 -44.55 12.99
N GLU D 25 -6.02 -45.03 11.82
CA GLU D 25 -5.68 -44.38 10.55
C GLU D 25 -6.38 -43.03 10.43
N GLU D 26 -7.64 -42.96 10.86
CA GLU D 26 -8.38 -41.70 10.80
C GLU D 26 -7.75 -40.69 11.74
N ALA D 27 -7.23 -41.16 12.88
CA ALA D 27 -6.60 -40.28 13.86
C ALA D 27 -5.36 -39.63 13.25
N GLU D 28 -4.61 -40.42 12.47
CA GLU D 28 -3.42 -39.88 11.83
C GLU D 28 -3.81 -38.89 10.74
N LYS D 29 -4.86 -39.22 9.99
CA LYS D 29 -5.31 -38.36 8.91
C LYS D 29 -5.80 -36.99 9.37
N ILE D 30 -6.52 -36.92 10.48
CA ILE D 30 -6.98 -35.62 10.95
C ILE D 30 -5.79 -34.79 11.43
N LYS D 31 -4.75 -35.45 11.93
CA LYS D 31 -3.56 -34.72 12.39
C LYS D 31 -2.84 -34.17 11.15
N THR D 32 -2.86 -34.93 10.06
CA THR D 32 -2.22 -34.49 8.83
C THR D 32 -2.94 -33.25 8.28
N LEU D 33 -4.27 -33.25 8.40
CA LEU D 33 -5.06 -32.10 7.94
C LEU D 33 -4.69 -30.85 8.74
N LEU D 34 -4.56 -31.01 10.04
CA LEU D 34 -4.18 -29.89 10.92
C LEU D 34 -2.81 -29.36 10.53
N GLN D 35 -1.88 -30.28 10.32
CA GLN D 35 -0.52 -29.95 9.98
C GLN D 35 -0.31 -29.31 8.61
N TYR D 36 -1.00 -29.81 7.59
CA TYR D 36 -0.79 -29.28 6.26
C TYR D 36 -1.66 -28.13 5.77
N SER D 37 -2.40 -27.52 6.68
CA SER D 37 -3.22 -26.36 6.31
C SER D 37 -2.26 -25.25 5.88
N PRO D 38 -2.67 -24.41 4.91
CA PRO D 38 -1.77 -23.33 4.51
C PRO D 38 -1.89 -22.22 5.56
N SER D 39 -1.02 -21.22 5.51
CA SER D 39 -1.05 -20.10 6.45
C SER D 39 -0.17 -19.02 5.85
N SER D 40 -0.42 -17.76 6.21
CA SER D 40 0.36 -16.65 5.66
C SER D 40 1.86 -16.84 5.97
N THR D 41 2.67 -16.73 4.92
CA THR D 41 4.14 -16.94 4.99
C THR D 41 4.52 -18.32 5.51
N ASN D 42 3.54 -19.22 5.59
CA ASN D 42 3.72 -20.58 6.10
C ASN D 42 4.14 -20.45 7.55
N SER D 43 3.61 -19.41 8.19
CA SER D 43 3.92 -19.10 9.58
C SER D 43 3.45 -20.16 10.58
N GLN D 44 2.45 -20.97 10.20
CA GLN D 44 1.94 -22.03 11.06
C GLN D 44 1.98 -21.59 12.53
N PRO D 45 1.31 -20.48 12.87
CA PRO D 45 1.27 -19.92 14.23
C PRO D 45 0.29 -20.64 15.14
N TRP D 46 0.40 -21.96 15.17
CA TRP D 46 -0.56 -22.74 15.92
C TRP D 46 -0.05 -23.94 16.70
N HIS D 47 -0.95 -24.48 17.52
CA HIS D 47 -0.71 -25.67 18.29
C HIS D 47 -2.07 -26.32 18.45
N PHE D 48 -2.10 -27.65 18.47
CA PHE D 48 -3.36 -28.36 18.59
C PHE D 48 -3.32 -29.40 19.71
N ILE D 49 -4.37 -29.42 20.52
CA ILE D 49 -4.49 -30.41 21.56
C ILE D 49 -5.51 -31.37 20.96
N VAL D 50 -5.16 -32.65 20.85
CA VAL D 50 -6.08 -33.62 20.31
C VAL D 50 -6.40 -34.57 21.45
N ALA D 51 -7.54 -34.37 22.08
CA ALA D 51 -7.95 -35.18 23.22
C ALA D 51 -8.82 -36.35 22.80
N SER D 52 -8.36 -37.56 23.12
CA SER D 52 -9.11 -38.77 22.78
C SER D 52 -9.42 -39.63 24.00
N THR D 53 -8.68 -39.42 25.10
CA THR D 53 -8.94 -40.20 26.31
C THR D 53 -10.14 -39.57 27.00
N GLU D 54 -10.86 -40.36 27.81
CA GLU D 54 -12.01 -39.83 28.50
C GLU D 54 -11.62 -38.66 29.41
N GLU D 55 -10.49 -38.78 30.11
CA GLU D 55 -10.05 -37.71 30.99
C GLU D 55 -9.68 -36.46 30.20
N GLY D 56 -8.98 -36.65 29.09
CA GLY D 56 -8.58 -35.53 28.26
C GLY D 56 -9.79 -34.73 27.80
N LYS D 57 -10.80 -35.41 27.28
CA LYS D 57 -12.00 -34.74 26.81
C LYS D 57 -12.76 -34.11 27.96
N ALA D 58 -12.78 -34.77 29.12
CA ALA D 58 -13.48 -34.22 30.28
C ALA D 58 -12.80 -32.92 30.69
N ARG D 59 -11.48 -32.86 30.56
CA ARG D 59 -10.73 -31.66 30.92
C ARG D 59 -11.08 -30.52 29.96
N VAL D 60 -11.17 -30.84 28.67
CA VAL D 60 -11.55 -29.84 27.69
C VAL D 60 -12.98 -29.38 27.97
N ALA D 61 -13.84 -30.33 28.33
CA ALA D 61 -15.24 -30.03 28.60
C ALA D 61 -15.46 -29.06 29.77
N LYS D 62 -14.43 -28.90 30.61
CA LYS D 62 -14.54 -27.99 31.75
C LYS D 62 -14.77 -26.57 31.25
N SER D 63 -14.34 -26.31 30.02
CA SER D 63 -14.49 -24.97 29.43
C SER D 63 -15.93 -24.68 28.99
N ALA D 64 -16.76 -25.71 28.92
CA ALA D 64 -18.15 -25.54 28.52
C ALA D 64 -19.03 -25.33 29.76
N ALA D 65 -18.56 -24.51 30.68
CA ALA D 65 -19.29 -24.23 31.91
C ALA D 65 -20.25 -23.06 31.81
N GLY D 66 -21.15 -22.95 32.78
CA GLY D 66 -22.10 -21.85 32.79
C GLY D 66 -23.09 -21.93 31.64
N THR D 67 -23.28 -20.80 30.97
CA THR D 67 -24.21 -20.75 29.85
C THR D 67 -23.73 -21.56 28.65
N TYR D 68 -22.45 -21.94 28.65
CA TYR D 68 -21.88 -22.72 27.56
C TYR D 68 -22.14 -24.22 27.73
N VAL D 69 -22.91 -24.58 28.75
CA VAL D 69 -23.19 -25.99 29.01
C VAL D 69 -23.80 -26.73 27.81
N PHE D 70 -24.44 -26.00 26.90
CA PHE D 70 -25.05 -26.64 25.73
C PHE D 70 -24.00 -27.28 24.80
N ASN D 71 -22.72 -27.00 25.06
CA ASN D 71 -21.63 -27.56 24.26
C ASN D 71 -20.88 -28.66 25.00
N GLU D 72 -21.20 -28.86 26.28
CA GLU D 72 -20.50 -29.87 27.08
C GLU D 72 -20.57 -31.28 26.53
N ARG D 73 -21.76 -31.77 26.24
CA ARG D 73 -21.89 -33.14 25.73
C ARG D 73 -21.16 -33.34 24.41
N LYS D 74 -21.13 -32.32 23.56
CA LYS D 74 -20.43 -32.43 22.28
C LYS D 74 -18.96 -32.78 22.53
N MET D 75 -18.38 -32.16 23.54
CA MET D 75 -16.97 -32.39 23.88
C MET D 75 -16.71 -33.74 24.54
N LEU D 76 -17.68 -34.20 25.32
CA LEU D 76 -17.54 -35.46 26.03
C LEU D 76 -17.80 -36.69 25.16
N ASP D 77 -18.82 -36.61 24.32
CA ASP D 77 -19.21 -37.75 23.49
C ASP D 77 -18.43 -37.98 22.20
N ALA D 78 -17.85 -36.94 21.62
CA ALA D 78 -17.08 -37.09 20.39
C ALA D 78 -15.88 -38.01 20.63
N SER D 79 -15.38 -38.63 19.56
CA SER D 79 -14.24 -39.52 19.65
C SER D 79 -12.96 -38.75 19.97
N HIS D 80 -12.68 -37.75 19.14
CA HIS D 80 -11.50 -36.91 19.28
C HIS D 80 -11.91 -35.44 19.30
N VAL D 81 -11.34 -34.69 20.24
CA VAL D 81 -11.66 -33.27 20.36
C VAL D 81 -10.40 -32.46 20.11
N VAL D 82 -10.42 -31.64 19.08
CA VAL D 82 -9.26 -30.84 18.73
C VAL D 82 -9.38 -29.40 19.22
N VAL D 83 -8.42 -28.96 20.00
CA VAL D 83 -8.45 -27.59 20.49
C VAL D 83 -7.48 -26.82 19.60
N PHE D 84 -8.01 -25.87 18.83
CA PHE D 84 -7.17 -25.06 17.95
C PHE D 84 -6.64 -23.88 18.73
N CYS D 85 -5.31 -23.79 18.84
CA CYS D 85 -4.67 -22.71 19.60
C CYS D 85 -3.75 -21.88 18.70
N ALA D 86 -3.63 -20.60 19.04
CA ALA D 86 -2.76 -19.70 18.28
C ALA D 86 -1.63 -19.28 19.22
N LYS D 87 -0.46 -18.99 18.66
CA LYS D 87 0.64 -18.51 19.47
C LYS D 87 0.16 -17.18 20.04
N THR D 88 0.65 -16.80 21.22
CA THR D 88 0.24 -15.54 21.84
C THR D 88 1.07 -14.36 21.33
N ALA D 89 2.19 -14.65 20.68
CA ALA D 89 3.06 -13.63 20.13
C ALA D 89 3.97 -14.30 19.12
N MET D 90 4.31 -13.60 18.05
CA MET D 90 5.19 -14.18 17.04
C MET D 90 6.63 -13.84 17.38
N ASP D 91 7.37 -14.85 17.83
CA ASP D 91 8.77 -14.69 18.21
C ASP D 91 9.70 -15.03 17.06
N ASP D 92 10.91 -14.46 17.08
CA ASP D 92 11.90 -14.71 16.04
C ASP D 92 12.23 -16.19 15.94
N ALA D 93 12.29 -16.85 17.08
CA ALA D 93 12.61 -18.28 17.12
C ALA D 93 11.68 -19.10 16.24
N TRP D 94 10.39 -18.81 16.29
CA TRP D 94 9.42 -19.54 15.49
C TRP D 94 9.61 -19.26 14.00
N LEU D 95 9.83 -18.00 13.65
CA LEU D 95 10.03 -17.64 12.25
C LEU D 95 11.29 -18.34 11.72
N GLU D 96 12.30 -18.45 12.57
CA GLU D 96 13.54 -19.10 12.18
C GLU D 96 13.26 -20.59 11.95
N ARG D 97 12.44 -21.16 12.83
CA ARG D 97 12.08 -22.57 12.71
C ARG D 97 11.40 -22.87 11.37
N VAL D 98 10.52 -21.96 10.96
CA VAL D 98 9.80 -22.16 9.71
C VAL D 98 10.73 -22.16 8.49
N VAL D 99 11.59 -21.17 8.39
CA VAL D 99 12.48 -21.13 7.23
C VAL D 99 13.49 -22.27 7.25
N ASP D 100 13.95 -22.67 8.42
CA ASP D 100 14.91 -23.77 8.51
C ASP D 100 14.26 -25.09 8.11
N GLN D 101 12.98 -25.22 8.43
CA GLN D 101 12.24 -26.43 8.09
C GLN D 101 12.02 -26.45 6.57
N GLU D 102 11.72 -25.30 5.99
CA GLU D 102 11.53 -25.24 4.54
C GLU D 102 12.84 -25.59 3.84
N GLU D 103 13.97 -25.24 4.45
CA GLU D 103 15.27 -25.57 3.87
C GLU D 103 15.48 -27.08 3.93
N ALA D 104 15.21 -27.66 5.09
CA ALA D 104 15.37 -29.09 5.29
C ALA D 104 14.49 -29.91 4.34
N ASP D 105 13.35 -29.34 3.97
CA ASP D 105 12.43 -30.04 3.07
C ASP D 105 12.78 -29.83 1.60
N GLY D 106 13.83 -29.05 1.33
CA GLY D 106 14.27 -28.82 -0.02
C GLY D 106 13.55 -27.78 -0.86
N ARG D 107 13.06 -26.72 -0.22
CA ARG D 107 12.34 -25.68 -0.94
C ARG D 107 13.24 -24.56 -1.48
N PHE D 108 14.51 -24.58 -1.11
CA PHE D 108 15.45 -23.55 -1.58
C PHE D 108 16.59 -24.16 -2.39
N ASN D 109 16.88 -23.59 -3.55
CA ASN D 109 17.96 -24.10 -4.39
C ASN D 109 19.27 -23.37 -4.12
N THR D 110 19.18 -22.22 -3.45
CA THR D 110 20.36 -21.42 -3.14
C THR D 110 20.23 -20.76 -1.78
N PRO D 111 21.36 -20.33 -1.19
CA PRO D 111 21.32 -19.69 0.12
C PRO D 111 20.58 -18.35 0.02
N GLU D 112 20.71 -17.71 -1.14
CA GLU D 112 20.05 -16.42 -1.37
C GLU D 112 18.54 -16.58 -1.30
N ALA D 113 18.03 -17.69 -1.85
CA ALA D 113 16.60 -17.96 -1.84
C ALA D 113 16.09 -18.12 -0.42
N LYS D 114 16.89 -18.77 0.43
CA LYS D 114 16.49 -18.96 1.82
C LYS D 114 16.49 -17.62 2.54
N ALA D 115 17.52 -16.82 2.29
CA ALA D 115 17.65 -15.51 2.92
C ALA D 115 16.50 -14.60 2.50
N ALA D 116 16.14 -14.66 1.23
CA ALA D 116 15.05 -13.83 0.71
C ALA D 116 13.72 -14.28 1.35
N ASN D 117 13.56 -15.58 1.52
CA ASN D 117 12.34 -16.11 2.12
C ASN D 117 12.24 -15.66 3.57
N HIS D 118 13.35 -15.71 4.30
CA HIS D 118 13.38 -15.30 5.69
C HIS D 118 13.13 -13.79 5.83
N LYS D 119 13.77 -13.01 4.97
CA LYS D 119 13.60 -11.56 5.01
C LYS D 119 12.15 -11.17 4.75
N GLY D 120 11.52 -11.83 3.78
CA GLY D 120 10.14 -11.52 3.45
C GLY D 120 9.19 -11.86 4.59
N ARG D 121 9.40 -13.02 5.20
CA ARG D 121 8.54 -13.44 6.30
C ARG D 121 8.69 -12.47 7.46
N THR D 122 9.93 -12.06 7.74
CA THR D 122 10.19 -11.14 8.83
C THR D 122 9.49 -9.81 8.59
N TYR D 123 9.52 -9.35 7.34
CA TYR D 123 8.88 -8.09 6.99
C TYR D 123 7.36 -8.13 7.25
N PHE D 124 6.70 -9.18 6.81
CA PHE D 124 5.27 -9.29 7.02
C PHE D 124 4.93 -9.60 8.47
N ALA D 125 5.77 -10.38 9.13
CA ALA D 125 5.53 -10.70 10.53
C ALA D 125 5.62 -9.38 11.31
N ASP D 126 6.64 -8.58 11.03
CA ASP D 126 6.82 -7.31 11.72
C ASP D 126 5.63 -6.39 11.51
N MET D 127 5.07 -6.41 10.31
CA MET D 127 3.92 -5.60 9.97
C MET D 127 2.81 -5.76 11.02
N HIS D 128 2.82 -6.92 11.68
CA HIS D 128 1.81 -7.21 12.69
C HIS D 128 2.35 -7.15 14.11
N ARG D 129 3.64 -7.43 14.28
CA ARG D 129 4.29 -7.45 15.60
C ARG D 129 4.69 -6.07 16.09
N VAL D 130 5.54 -5.41 15.31
CA VAL D 130 6.04 -4.09 15.67
C VAL D 130 4.99 -3.02 15.42
N ASP D 131 4.74 -2.77 14.14
CA ASP D 131 3.80 -1.76 13.69
C ASP D 131 2.40 -1.85 14.32
N LEU D 132 1.51 -2.55 13.61
CA LEU D 132 0.13 -2.72 14.05
C LEU D 132 0.01 -3.29 15.46
N LYS D 133 0.87 -4.26 15.79
CA LYS D 133 0.84 -4.88 17.11
C LYS D 133 -0.43 -5.72 17.22
N ASP D 134 -0.79 -6.38 16.11
CA ASP D 134 -1.98 -7.22 16.04
C ASP D 134 -1.58 -8.61 15.58
N ASP D 135 -0.36 -9.03 15.89
CA ASP D 135 0.07 -10.36 15.47
C ASP D 135 -0.82 -11.40 16.13
N ASP D 136 -1.34 -11.08 17.32
CA ASP D 136 -2.22 -12.02 18.00
C ASP D 136 -3.42 -12.26 17.09
N GLN D 137 -3.94 -11.19 16.49
CA GLN D 137 -5.10 -11.27 15.60
C GLN D 137 -4.74 -11.89 14.25
N TRP D 138 -3.59 -11.51 13.71
CA TRP D 138 -3.13 -12.06 12.44
C TRP D 138 -2.95 -13.57 12.57
N MET D 139 -2.38 -14.00 13.68
CA MET D 139 -2.17 -15.43 13.89
C MET D 139 -3.50 -16.15 14.12
N ALA D 140 -4.40 -15.53 14.88
CA ALA D 140 -5.71 -16.12 15.15
C ALA D 140 -6.43 -16.35 13.82
N LYS D 141 -6.26 -15.41 12.89
CA LYS D 141 -6.89 -15.56 11.59
C LYS D 141 -6.37 -16.78 10.83
N GLN D 142 -5.06 -17.05 10.93
CA GLN D 142 -4.49 -18.21 10.24
C GLN D 142 -5.06 -19.49 10.86
N VAL D 143 -5.30 -19.45 12.18
CA VAL D 143 -5.85 -20.62 12.86
C VAL D 143 -7.29 -20.88 12.40
N TYR D 144 -8.07 -19.83 12.20
CA TYR D 144 -9.44 -20.02 11.74
C TYR D 144 -9.43 -20.59 10.32
N LEU D 145 -8.44 -20.17 9.53
CA LEU D 145 -8.35 -20.69 8.16
C LEU D 145 -8.12 -22.19 8.27
N ASN D 146 -7.26 -22.58 9.21
CA ASN D 146 -6.96 -23.98 9.44
C ASN D 146 -8.28 -24.69 9.80
N VAL D 147 -9.08 -24.07 10.67
CA VAL D 147 -10.36 -24.66 11.07
C VAL D 147 -11.24 -24.90 9.83
N GLY D 148 -11.32 -23.91 8.95
CA GLY D 148 -12.13 -24.04 7.74
C GLY D 148 -11.67 -25.21 6.89
N ASN D 149 -10.36 -25.33 6.74
CA ASN D 149 -9.75 -26.41 5.97
C ASN D 149 -10.13 -27.74 6.66
N PHE D 150 -9.96 -27.77 7.98
CA PHE D 150 -10.25 -28.95 8.78
C PHE D 150 -11.68 -29.47 8.67
N LEU D 151 -12.65 -28.57 8.82
CA LEU D 151 -14.06 -28.95 8.78
C LEU D 151 -14.47 -29.60 7.47
N LEU D 152 -14.00 -29.05 6.35
CA LEU D 152 -14.34 -29.62 5.05
C LEU D 152 -13.60 -30.94 4.89
N GLY D 153 -12.35 -30.96 5.34
CA GLY D 153 -11.54 -32.16 5.25
C GLY D 153 -12.13 -33.35 6.00
N VAL D 154 -12.54 -33.14 7.24
CA VAL D 154 -13.11 -34.24 8.01
C VAL D 154 -14.43 -34.67 7.38
N GLY D 155 -15.14 -33.71 6.80
CA GLY D 155 -16.40 -34.02 6.14
C GLY D 155 -16.14 -34.91 4.94
N ALA D 156 -15.05 -34.64 4.23
CA ALA D 156 -14.68 -35.42 3.06
C ALA D 156 -14.20 -36.81 3.44
N MET D 157 -13.97 -37.01 4.74
CA MET D 157 -13.53 -38.31 5.25
C MET D 157 -14.75 -39.10 5.74
N GLY D 158 -15.92 -38.47 5.67
CA GLY D 158 -17.14 -39.12 6.13
C GLY D 158 -17.31 -39.02 7.63
N LEU D 159 -16.52 -38.15 8.25
CA LEU D 159 -16.61 -37.96 9.70
C LEU D 159 -17.43 -36.73 10.05
N ASP D 160 -17.97 -36.73 11.27
CA ASP D 160 -18.77 -35.61 11.73
C ASP D 160 -17.96 -34.72 12.65
N ALA D 161 -18.31 -33.44 12.69
CA ALA D 161 -17.61 -32.50 13.54
C ALA D 161 -18.49 -31.30 13.82
N VAL D 162 -18.04 -30.46 14.73
CA VAL D 162 -18.74 -29.24 15.06
C VAL D 162 -17.74 -28.24 15.60
N PRO D 163 -17.66 -27.05 14.97
CA PRO D 163 -16.74 -26.01 15.43
C PRO D 163 -17.41 -25.33 16.62
N ILE D 164 -16.63 -25.01 17.65
CA ILE D 164 -17.19 -24.41 18.85
C ILE D 164 -16.43 -23.18 19.36
N GLU D 165 -17.15 -22.06 19.47
CA GLU D 165 -16.61 -20.82 20.01
C GLU D 165 -17.24 -20.63 21.37
N GLY D 166 -18.32 -21.38 21.61
CA GLY D 166 -19.04 -21.31 22.86
C GLY D 166 -18.36 -22.05 23.99
N PHE D 167 -17.20 -21.55 24.40
CA PHE D 167 -16.44 -22.13 25.50
C PHE D 167 -15.63 -21.01 26.17
N ASP D 168 -15.23 -21.23 27.41
CA ASP D 168 -14.44 -20.25 28.16
C ASP D 168 -12.97 -20.55 27.92
N ALA D 169 -12.34 -19.76 27.04
CA ALA D 169 -10.93 -19.96 26.73
C ALA D 169 -10.03 -19.72 27.93
N ALA D 170 -10.47 -18.86 28.85
CA ALA D 170 -9.67 -18.58 30.04
C ALA D 170 -9.52 -19.87 30.82
N ILE D 171 -10.63 -20.58 30.99
CA ILE D 171 -10.65 -21.84 31.72
C ILE D 171 -9.84 -22.91 31.00
N LEU D 172 -10.05 -23.01 29.68
CA LEU D 172 -9.34 -24.01 28.89
C LEU D 172 -7.84 -23.77 28.91
N ASP D 173 -7.43 -22.51 28.76
CA ASP D 173 -6.00 -22.16 28.77
C ASP D 173 -5.36 -22.56 30.09
N GLU D 174 -6.04 -22.24 31.18
CA GLU D 174 -5.53 -22.55 32.52
C GLU D 174 -5.45 -24.07 32.74
N GLU D 175 -6.48 -24.78 32.32
CA GLU D 175 -6.55 -26.23 32.46
C GLU D 175 -5.40 -26.97 31.77
N PHE D 176 -4.91 -26.40 30.67
CA PHE D 176 -3.84 -27.02 29.91
C PHE D 176 -2.54 -26.22 29.92
N GLY D 177 -2.46 -25.23 30.81
CA GLY D 177 -1.28 -24.40 30.92
C GLY D 177 -0.74 -23.85 29.62
N LEU D 178 -1.66 -23.42 28.75
CA LEU D 178 -1.29 -22.88 27.44
C LEU D 178 -0.55 -21.55 27.50
N LYS D 179 -0.96 -20.70 28.44
CA LYS D 179 -0.35 -19.38 28.61
C LYS D 179 1.16 -19.48 28.73
N GLU D 180 1.62 -20.27 29.69
CA GLU D 180 3.05 -20.45 29.92
C GLU D 180 3.73 -21.04 28.69
N LYS D 181 2.99 -21.85 27.94
CA LYS D 181 3.51 -22.50 26.75
C LYS D 181 3.53 -21.58 25.53
N GLY D 182 2.92 -20.41 25.67
CA GLY D 182 2.89 -19.45 24.58
C GLY D 182 1.73 -19.61 23.61
N PHE D 183 0.63 -20.22 24.08
CA PHE D 183 -0.54 -20.42 23.24
C PHE D 183 -1.84 -20.06 23.95
N THR D 184 -2.89 -19.89 23.16
CA THR D 184 -4.21 -19.59 23.69
C THR D 184 -5.23 -20.30 22.81
N SER D 185 -6.24 -20.89 23.44
CA SER D 185 -7.27 -21.63 22.72
C SER D 185 -8.25 -20.69 22.03
N LEU D 186 -8.65 -21.05 20.81
CA LEU D 186 -9.56 -20.24 20.02
C LEU D 186 -10.84 -20.96 19.60
N VAL D 187 -10.69 -22.18 19.11
CA VAL D 187 -11.84 -22.97 18.66
C VAL D 187 -11.68 -24.43 19.06
N VAL D 188 -12.77 -25.02 19.52
CA VAL D 188 -12.77 -26.43 19.92
C VAL D 188 -13.58 -27.17 18.87
N VAL D 189 -13.02 -28.27 18.38
CA VAL D 189 -13.72 -29.03 17.34
C VAL D 189 -13.82 -30.52 17.64
N PRO D 190 -14.97 -30.95 18.20
CA PRO D 190 -15.18 -32.37 18.50
C PRO D 190 -15.33 -33.09 17.16
N VAL D 191 -14.72 -34.26 17.03
CA VAL D 191 -14.80 -35.01 15.79
C VAL D 191 -15.19 -36.46 16.08
N GLY D 192 -16.05 -37.02 15.25
CA GLY D 192 -16.47 -38.39 15.43
C GLY D 192 -17.61 -38.75 14.50
N HIS D 193 -18.67 -39.32 15.06
CA HIS D 193 -19.85 -39.70 14.30
C HIS D 193 -21.08 -39.23 15.06
N HIS D 194 -21.98 -38.53 14.37
CA HIS D 194 -23.18 -38.01 15.02
C HIS D 194 -24.11 -39.14 15.47
N SER D 195 -24.98 -38.84 16.42
CA SER D 195 -25.92 -39.84 16.93
C SER D 195 -27.34 -39.50 16.49
N VAL D 196 -28.29 -40.35 16.89
CA VAL D 196 -29.69 -40.13 16.54
C VAL D 196 -30.22 -38.87 17.24
N GLU D 197 -29.47 -38.39 18.23
CA GLU D 197 -29.86 -37.19 18.96
C GLU D 197 -29.38 -35.90 18.29
N ASP D 198 -28.67 -36.04 17.17
CA ASP D 198 -28.17 -34.88 16.44
C ASP D 198 -29.31 -34.31 15.60
N PHE D 199 -30.11 -33.45 16.20
CA PHE D 199 -31.24 -32.84 15.50
C PHE D 199 -30.86 -31.98 14.31
N ASN D 200 -29.57 -31.65 14.18
CA ASN D 200 -29.14 -30.80 13.07
C ASN D 200 -28.71 -31.61 11.84
N ALA D 201 -28.67 -32.93 11.98
CA ALA D 201 -28.26 -33.80 10.89
C ALA D 201 -29.32 -33.91 9.81
N THR D 202 -30.58 -33.65 10.16
CA THR D 202 -31.67 -33.75 9.20
C THR D 202 -32.23 -32.42 8.71
N LEU D 203 -31.90 -31.34 9.40
CA LEU D 203 -32.40 -30.02 9.00
C LEU D 203 -31.71 -29.52 7.74
N PRO D 204 -32.45 -28.83 6.87
CA PRO D 204 -31.82 -28.32 5.65
C PRO D 204 -30.81 -27.23 5.98
N LYS D 205 -29.79 -27.10 5.14
CA LYS D 205 -28.77 -26.08 5.35
C LYS D 205 -29.36 -24.74 4.93
N SER D 206 -28.98 -23.67 5.63
CA SER D 206 -29.49 -22.36 5.31
C SER D 206 -28.40 -21.31 5.11
N ARG D 207 -28.43 -20.65 3.97
CA ARG D 207 -27.45 -19.61 3.66
C ARG D 207 -28.15 -18.50 2.87
N LEU D 208 -27.67 -17.27 3.02
CA LEU D 208 -28.23 -16.13 2.30
C LEU D 208 -28.03 -16.36 0.80
N PRO D 209 -28.90 -15.79 -0.04
CA PRO D 209 -28.78 -15.96 -1.49
C PRO D 209 -27.53 -15.36 -2.13
N LEU D 210 -27.08 -15.99 -3.21
CA LEU D 210 -25.90 -15.52 -3.92
C LEU D 210 -26.10 -14.09 -4.41
N SER D 211 -27.34 -13.72 -4.74
CA SER D 211 -27.60 -12.36 -5.22
C SER D 211 -27.20 -11.30 -4.18
N THR D 212 -27.10 -11.72 -2.92
CA THR D 212 -26.72 -10.81 -1.85
C THR D 212 -25.23 -10.88 -1.51
N ILE D 213 -24.70 -12.08 -1.34
CA ILE D 213 -23.30 -12.27 -0.95
C ILE D 213 -22.23 -12.24 -2.03
N VAL D 214 -22.61 -12.42 -3.29
CA VAL D 214 -21.63 -12.41 -4.38
C VAL D 214 -21.86 -11.32 -5.41
N THR D 215 -20.77 -10.65 -5.79
CA THR D 215 -20.79 -9.61 -6.82
C THR D 215 -19.86 -10.12 -7.91
N GLU D 216 -20.36 -10.27 -9.13
CA GLU D 216 -19.53 -10.76 -10.22
C GLU D 216 -19.07 -9.60 -11.11
N CYS D 217 -17.78 -9.63 -11.47
CA CYS D 217 -17.20 -8.59 -12.32
C CYS D 217 -16.30 -9.20 -13.39
#